data_3QUS
#
_entry.id   3QUS
#
_cell.length_a   160.840
_cell.length_b   160.840
_cell.length_c   256.479
_cell.angle_alpha   90.00
_cell.angle_beta   90.00
_cell.angle_gamma   120.00
#
_symmetry.space_group_name_H-M   'H 3 2'
#
loop_
_entity.id
_entity.type
_entity.pdbx_description
1 polymer 'Formate--tetrahydrofolate ligase'
2 non-polymer 'SULFATE ION'
3 non-polymer 'PHOSPHOTHIOPHOSPHORIC ACID-ADENYLATE ESTER'
4 non-polymer 2-[2-(2-METHOXY-ETHOXY)-ETHOXY]-ETHOXYL
5 non-polymer 'MALEIC ACID'
6 water water
#
_entity_poly.entity_id   1
_entity_poly.type   'polypeptide(L)'
_entity_poly.pdbx_seq_one_letter_code
;MSKVPSDIEIAQAAKMKPVMELARGLGIQEDEVELYGKYKAKISLDVYRRLKDKPDGKLILVTAITPTPAGEGKTTTSVG
LTDALARLGKRVMVCLREPSLGPSFGIKGGAAGGGYAQVVPMEDINLHFTGDIHAVTYAHNLLAAMVDNHLQQGNVLNID
PRTITWRRVIDLNDRALRNIVIGLGGKANGVPRETGFDISVASEVMACLCLASDLMDLKERFSRIVVGYTYDGKPVTAGD
LEAQGSMALLMKDAIKPNLVQTLENTPAFIHGGPFANIAHGCNSIIATKTALKLADYVVTEAGFGADLGAEKFYDVKCRY
AGFKPDATVIVATVRALKMHGGVPKSDLATENLEALREGFANLEKHIENIGKFGVPAVVAINAFPTDTEAELNLLYELCA
KAGAEVALSWAKGGEGGLELARKVLQTLESRPSNFHVLYNLDLSIKDKIAKIATEIYGADGVNYTAEADKAIQRYESLGY
GNLPVVMAKTQYSFSDDMTKLGRPRNFTITVREVRLSAGGRLIVPITGAIMTMPGLPKRPAACNIDIDADGVITGLF
;
_entity_poly.pdbx_strand_id   A,B
#
# COMPACT_ATOMS: atom_id res chain seq x y z
N SER A 6 -23.92 -18.64 -16.08
CA SER A 6 -24.06 -17.71 -14.91
C SER A 6 -22.92 -17.94 -13.93
N ASP A 7 -23.16 -17.65 -12.65
CA ASP A 7 -22.15 -17.69 -11.59
C ASP A 7 -21.23 -16.51 -11.78
N ILE A 8 -21.46 -15.46 -11.01
CA ILE A 8 -20.91 -14.11 -11.27
C ILE A 8 -19.39 -13.97 -10.97
N GLU A 9 -18.70 -15.09 -11.10
CA GLU A 9 -17.26 -15.15 -11.24
C GLU A 9 -16.98 -15.72 -12.64
N ILE A 10 -17.78 -15.20 -13.59
CA ILE A 10 -17.69 -15.40 -15.04
C ILE A 10 -16.37 -14.82 -15.57
N ALA A 11 -15.79 -13.93 -14.78
CA ALA A 11 -14.52 -13.28 -15.08
C ALA A 11 -13.33 -14.23 -15.17
N GLN A 12 -13.56 -15.52 -14.89
CA GLN A 12 -12.54 -16.58 -15.03
C GLN A 12 -12.28 -16.86 -16.50
N ALA A 13 -13.31 -17.36 -17.19
CA ALA A 13 -13.26 -17.75 -18.61
C ALA A 13 -13.14 -16.55 -19.57
N ALA A 14 -12.98 -15.35 -19.00
CA ALA A 14 -13.05 -14.06 -19.70
C ALA A 14 -12.38 -13.97 -21.07
N LYS A 15 -11.20 -14.56 -21.18
CA LYS A 15 -10.40 -14.42 -22.39
C LYS A 15 -10.05 -12.97 -22.71
N MET A 16 -9.01 -12.48 -22.05
CA MET A 16 -8.54 -11.11 -22.17
C MET A 16 -7.48 -10.99 -23.26
N LYS A 17 -7.54 -9.90 -24.00
CA LYS A 17 -6.47 -9.53 -24.91
C LYS A 17 -5.38 -8.81 -24.11
N PRO A 18 -4.11 -9.11 -24.36
CA PRO A 18 -3.00 -8.30 -23.85
C PRO A 18 -3.28 -6.80 -23.92
N VAL A 19 -3.03 -6.05 -22.85
CA VAL A 19 -3.40 -4.61 -22.85
C VAL A 19 -2.63 -3.82 -23.86
N MET A 20 -1.35 -4.16 -24.00
CA MET A 20 -0.42 -3.56 -24.96
C MET A 20 -1.03 -3.53 -26.34
N GLU A 21 -1.71 -4.62 -26.69
CA GLU A 21 -2.34 -4.78 -27.98
C GLU A 21 -3.48 -3.76 -28.12
N LEU A 22 -4.27 -3.62 -27.07
CA LEU A 22 -5.35 -2.64 -27.03
C LEU A 22 -4.83 -1.21 -27.08
N ALA A 23 -3.68 -1.01 -26.44
CA ALA A 23 -3.12 0.29 -26.39
C ALA A 23 -2.65 0.73 -27.79
N ARG A 24 -1.81 -0.07 -28.45
CA ARG A 24 -1.38 0.36 -29.78
C ARG A 24 -2.66 0.42 -30.63
N GLY A 25 -3.69 -0.33 -30.23
CA GLY A 25 -4.97 -0.28 -30.95
C GLY A 25 -5.61 1.10 -30.93
N LEU A 26 -5.38 1.81 -29.82
CA LEU A 26 -5.89 3.16 -29.57
C LEU A 26 -4.97 4.26 -30.10
N GLY A 27 -3.80 3.85 -30.59
CA GLY A 27 -2.75 4.78 -31.02
C GLY A 27 -1.78 5.20 -29.92
N ILE A 28 -1.65 4.37 -28.89
CA ILE A 28 -0.68 4.63 -27.84
C ILE A 28 0.62 3.96 -28.24
N GLN A 29 1.73 4.65 -28.04
CA GLN A 29 3.06 4.12 -28.33
C GLN A 29 3.52 3.21 -27.20
N GLU A 30 4.43 2.27 -27.48
CA GLU A 30 4.90 1.36 -26.42
C GLU A 30 5.55 2.11 -25.25
N ASP A 31 6.10 3.29 -25.54
CA ASP A 31 6.87 4.03 -24.52
C ASP A 31 5.96 4.87 -23.63
N GLU A 32 4.67 4.88 -23.96
CA GLU A 32 3.64 5.54 -23.18
C GLU A 32 2.89 4.49 -22.35
N VAL A 33 3.34 3.24 -22.44
CA VAL A 33 2.69 2.10 -21.77
C VAL A 33 3.62 1.55 -20.70
N GLU A 34 3.08 1.31 -19.51
CA GLU A 34 3.84 0.70 -18.40
C GLU A 34 3.15 -0.56 -17.83
N LEU A 35 3.51 -1.71 -18.40
CA LEU A 35 2.89 -2.97 -18.03
C LEU A 35 2.88 -3.29 -16.52
N TYR A 36 1.78 -3.87 -16.05
CA TYR A 36 1.71 -4.49 -14.75
C TYR A 36 1.12 -5.84 -15.04
N GLY A 37 1.98 -6.82 -15.37
CA GLY A 37 1.50 -8.08 -15.94
C GLY A 37 1.09 -7.84 -17.39
N LYS A 38 0.57 -8.88 -18.06
CA LYS A 38 0.17 -8.77 -19.46
C LYS A 38 -1.12 -7.96 -19.61
N TYR A 39 -1.90 -7.86 -18.54
CA TYR A 39 -3.26 -7.31 -18.65
C TYR A 39 -3.56 -6.00 -17.93
N LYS A 40 -2.53 -5.25 -17.50
CA LYS A 40 -2.72 -3.95 -16.86
C LYS A 40 -1.63 -2.97 -17.26
N ALA A 41 -1.97 -1.70 -17.39
CA ALA A 41 -1.01 -0.71 -17.83
C ALA A 41 -1.32 0.67 -17.31
N LYS A 42 -0.31 1.36 -16.84
CA LYS A 42 -0.43 2.76 -16.59
C LYS A 42 -0.06 3.40 -17.92
N ILE A 43 -0.54 4.60 -18.16
CA ILE A 43 -0.39 5.23 -19.44
C ILE A 43 0.05 6.66 -19.25
N SER A 44 1.08 7.07 -20.00
CA SER A 44 1.70 8.37 -19.76
C SER A 44 0.74 9.55 -19.94
N LEU A 45 1.01 10.65 -19.25
CA LEU A 45 0.26 11.85 -19.49
C LEU A 45 0.76 12.53 -20.76
N ASP A 46 1.79 11.94 -21.35
CA ASP A 46 2.33 12.40 -22.62
C ASP A 46 1.30 12.20 -23.74
N VAL A 47 0.42 11.20 -23.54
CA VAL A 47 -0.59 10.83 -24.52
C VAL A 47 -1.60 11.94 -24.68
N TYR A 48 -2.00 12.51 -23.55
CA TYR A 48 -2.88 13.65 -23.61
C TYR A 48 -2.15 14.84 -24.22
N ARG A 49 -0.93 15.11 -23.74
CA ARG A 49 -0.20 16.27 -24.19
C ARG A 49 -0.12 16.29 -25.70
N ARG A 50 0.32 15.22 -26.34
CA ARG A 50 0.46 15.25 -27.80
C ARG A 50 -0.88 15.29 -28.55
N LEU A 51 -1.97 14.97 -27.86
CA LEU A 51 -3.29 14.94 -28.46
C LEU A 51 -4.22 16.08 -28.00
N LYS A 52 -3.70 17.01 -27.20
CA LYS A 52 -4.45 18.20 -26.73
C LYS A 52 -5.21 18.91 -27.84
N ASP A 53 -4.58 19.13 -28.99
CA ASP A 53 -5.23 19.92 -30.05
C ASP A 53 -6.38 19.20 -30.78
N LYS A 54 -6.36 17.86 -30.77
CA LYS A 54 -7.44 17.03 -31.35
C LYS A 54 -8.86 17.20 -30.75
N PRO A 55 -9.91 16.81 -31.49
CA PRO A 55 -11.25 17.05 -30.94
C PRO A 55 -11.71 15.97 -29.96
N ASP A 56 -12.55 16.33 -29.00
CA ASP A 56 -13.13 15.35 -28.09
C ASP A 56 -14.12 14.46 -28.80
N GLY A 57 -14.25 13.24 -28.33
CA GLY A 57 -15.41 12.45 -28.71
C GLY A 57 -16.60 12.88 -27.88
N LYS A 58 -17.69 12.15 -28.03
CA LYS A 58 -18.91 12.46 -27.33
C LYS A 58 -18.79 11.90 -25.91
N LEU A 59 -19.38 12.60 -24.93
CA LEU A 59 -19.31 12.18 -23.54
C LEU A 59 -20.67 11.66 -23.03
N ILE A 60 -20.70 10.45 -22.52
CA ILE A 60 -21.95 9.86 -22.05
C ILE A 60 -21.84 9.51 -20.58
N LEU A 61 -22.62 10.21 -19.76
CA LEU A 61 -22.58 9.91 -18.35
C LEU A 61 -23.66 8.91 -18.05
N VAL A 62 -23.33 7.89 -17.27
CA VAL A 62 -24.41 7.08 -16.74
C VAL A 62 -24.61 7.28 -15.26
N THR A 63 -25.86 7.43 -14.90
CA THR A 63 -26.26 7.69 -13.54
C THR A 63 -27.49 6.84 -13.34
N ALA A 64 -28.14 7.00 -12.19
CA ALA A 64 -29.31 6.16 -11.82
C ALA A 64 -30.32 6.91 -10.97
N ILE A 65 -31.41 6.23 -10.62
CA ILE A 65 -32.42 6.79 -9.75
C ILE A 65 -31.96 6.60 -8.32
N THR A 66 -32.67 7.25 -7.39
CA THR A 66 -32.40 7.09 -5.96
C THR A 66 -32.26 5.62 -5.63
N PRO A 67 -31.08 5.24 -5.12
CA PRO A 67 -30.73 3.88 -4.73
C PRO A 67 -31.62 3.28 -3.64
N THR A 68 -31.62 1.96 -3.54
CA THR A 68 -32.57 1.26 -2.70
C THR A 68 -31.95 -0.01 -2.17
N PRO A 69 -32.61 -0.66 -1.18
CA PRO A 69 -32.34 -2.10 -0.89
C PRO A 69 -32.47 -3.04 -2.14
N ALA A 70 -33.46 -2.81 -3.01
CA ALA A 70 -33.68 -3.61 -4.22
C ALA A 70 -32.56 -3.60 -5.28
N GLY A 71 -31.59 -2.68 -5.18
CA GLY A 71 -30.50 -2.56 -6.19
C GLY A 71 -30.99 -1.96 -7.52
N GLU A 72 -30.07 -1.34 -8.27
CA GLU A 72 -30.40 -0.63 -9.54
C GLU A 72 -29.63 -1.17 -10.76
N GLY A 73 -28.32 -0.94 -10.80
CA GLY A 73 -27.45 -1.61 -11.79
C GLY A 73 -26.56 -0.71 -12.64
N LYS A 74 -26.08 0.38 -12.02
CA LYS A 74 -25.33 1.42 -12.72
C LYS A 74 -24.15 0.87 -13.55
N THR A 75 -23.17 0.26 -12.90
CA THR A 75 -21.91 -0.08 -13.57
C THR A 75 -22.15 -1.14 -14.64
N THR A 76 -22.98 -2.11 -14.30
CA THR A 76 -23.35 -3.16 -15.21
C THR A 76 -23.84 -2.48 -16.49
N THR A 77 -24.75 -1.52 -16.36
CA THR A 77 -25.23 -0.77 -17.51
C THR A 77 -24.15 0.00 -18.29
N SER A 78 -23.22 0.67 -17.60
CA SER A 78 -22.12 1.38 -18.27
C SER A 78 -21.22 0.46 -19.07
N VAL A 79 -20.87 -0.68 -18.49
CA VAL A 79 -20.00 -1.60 -19.23
C VAL A 79 -20.82 -2.12 -20.40
N GLY A 80 -22.07 -2.50 -20.09
CA GLY A 80 -23.00 -2.99 -21.07
C GLY A 80 -23.24 -2.02 -22.22
N LEU A 81 -23.43 -0.75 -21.90
CA LEU A 81 -23.49 0.26 -22.94
C LEU A 81 -22.22 0.24 -23.73
N THR A 82 -21.06 0.43 -23.10
CA THR A 82 -19.77 0.49 -23.82
C THR A 82 -19.65 -0.66 -24.80
N ASP A 83 -19.91 -1.88 -24.36
CA ASP A 83 -19.81 -3.02 -25.24
C ASP A 83 -20.80 -2.94 -26.41
N ALA A 84 -22.04 -2.55 -26.12
CA ALA A 84 -23.06 -2.46 -27.15
C ALA A 84 -22.58 -1.51 -28.23
N LEU A 85 -21.96 -0.40 -27.79
CA LEU A 85 -21.34 0.56 -28.69
C LEU A 85 -20.19 0.02 -29.56
N ALA A 86 -19.32 -0.79 -28.96
CA ALA A 86 -18.27 -1.46 -29.72
C ALA A 86 -18.83 -2.43 -30.76
N ARG A 87 -19.81 -3.25 -30.38
CA ARG A 87 -20.45 -4.17 -31.32
C ARG A 87 -21.03 -3.42 -32.53
N LEU A 88 -21.38 -2.15 -32.32
CA LEU A 88 -21.93 -1.33 -33.40
C LEU A 88 -20.81 -0.66 -34.15
N GLY A 89 -19.61 -1.18 -33.97
CA GLY A 89 -18.45 -0.68 -34.69
C GLY A 89 -17.86 0.65 -34.20
N LYS A 90 -18.38 1.16 -33.08
CA LYS A 90 -17.89 2.45 -32.55
C LYS A 90 -16.56 2.38 -31.82
N ARG A 91 -15.75 3.42 -31.97
CA ARG A 91 -14.47 3.52 -31.30
C ARG A 91 -14.80 4.11 -29.91
N VAL A 92 -14.82 3.25 -28.89
CA VAL A 92 -15.38 3.61 -27.60
C VAL A 92 -14.48 3.22 -26.41
N MET A 93 -14.63 3.97 -25.34
CA MET A 93 -13.95 3.67 -24.07
C MET A 93 -14.90 3.90 -22.94
N VAL A 94 -14.84 3.01 -21.95
CA VAL A 94 -15.50 3.23 -20.66
C VAL A 94 -14.49 3.60 -19.61
N CYS A 95 -14.79 4.66 -18.84
CA CYS A 95 -13.98 5.07 -17.68
C CYS A 95 -14.74 4.80 -16.39
N LEU A 96 -14.10 4.07 -15.46
CA LEU A 96 -14.67 3.68 -14.15
C LEU A 96 -13.76 3.94 -12.93
N ARG A 97 -14.36 4.01 -11.74
CA ARG A 97 -13.62 4.26 -10.49
C ARG A 97 -12.99 2.99 -9.96
N GLU A 98 -11.82 3.09 -9.29
CA GLU A 98 -11.26 1.93 -8.59
C GLU A 98 -11.97 1.67 -7.26
N PRO A 99 -12.34 0.39 -6.99
CA PRO A 99 -12.98 0.06 -5.69
C PRO A 99 -12.00 0.11 -4.54
N SER A 100 -12.53 0.35 -3.36
CA SER A 100 -11.74 0.44 -2.15
C SER A 100 -11.52 -1.02 -1.81
N LEU A 101 -10.40 -1.33 -1.16
CA LEU A 101 -10.08 -2.71 -0.79
C LEU A 101 -10.97 -3.23 0.35
N GLY A 102 -11.40 -2.32 1.20
CA GLY A 102 -12.09 -2.70 2.41
C GLY A 102 -13.35 -3.51 2.24
N PRO A 103 -14.29 -3.02 1.42
CA PRO A 103 -15.51 -3.77 1.11
C PRO A 103 -15.29 -5.24 0.76
N SER A 104 -14.14 -5.58 0.17
CA SER A 104 -13.83 -6.99 -0.13
C SER A 104 -13.86 -7.95 1.07
N PHE A 105 -13.56 -7.45 2.27
CA PHE A 105 -13.41 -8.29 3.46
C PHE A 105 -14.59 -8.20 4.44
N GLY A 106 -15.42 -7.17 4.24
CA GLY A 106 -16.63 -6.98 5.02
C GLY A 106 -17.81 -7.69 4.39
N ILE A 107 -18.52 -6.99 3.52
CA ILE A 107 -19.68 -7.61 2.91
C ILE A 107 -19.38 -8.07 1.49
N LYS A 108 -18.77 -7.16 0.72
CA LYS A 108 -18.65 -7.34 -0.74
C LYS A 108 -17.42 -8.17 -1.16
N GLY A 109 -16.68 -7.60 -2.10
CA GLY A 109 -15.77 -8.34 -2.97
C GLY A 109 -16.60 -8.55 -4.21
N GLY A 110 -17.50 -7.58 -4.43
CA GLY A 110 -18.53 -7.65 -5.44
C GLY A 110 -17.99 -7.48 -6.84
N ALA A 111 -18.84 -7.78 -7.81
CA ALA A 111 -18.44 -7.96 -9.20
C ALA A 111 -17.79 -6.76 -9.88
N ALA A 112 -16.76 -7.05 -10.66
CA ALA A 112 -16.05 -6.07 -11.47
C ALA A 112 -17.01 -4.96 -11.96
N GLY A 113 -18.13 -5.39 -12.54
CA GLY A 113 -19.22 -4.54 -12.95
C GLY A 113 -20.48 -5.32 -12.69
N GLY A 114 -20.52 -6.61 -13.07
CA GLY A 114 -21.67 -7.49 -12.81
C GLY A 114 -22.16 -8.38 -13.97
N GLY A 115 -22.41 -9.65 -13.68
CA GLY A 115 -22.86 -10.60 -14.70
C GLY A 115 -21.95 -10.58 -15.92
N TYR A 116 -22.56 -10.51 -17.10
CA TYR A 116 -21.78 -10.42 -18.34
C TYR A 116 -21.28 -9.01 -18.71
N ALA A 117 -21.37 -8.07 -17.77
CA ALA A 117 -20.85 -6.73 -17.94
C ALA A 117 -19.76 -6.49 -16.90
N GLN A 118 -18.51 -6.72 -17.27
CA GLN A 118 -17.45 -6.67 -16.30
C GLN A 118 -16.25 -6.14 -16.96
N VAL A 119 -15.41 -5.48 -16.16
CA VAL A 119 -14.11 -5.02 -16.52
C VAL A 119 -13.19 -5.93 -15.76
N VAL A 120 -12.11 -6.37 -16.41
CA VAL A 120 -11.27 -7.44 -15.87
C VAL A 120 -9.84 -7.06 -16.13
N PRO A 121 -8.87 -7.59 -15.35
CA PRO A 121 -8.83 -8.58 -14.25
C PRO A 121 -9.56 -8.21 -12.93
N MET A 122 -10.68 -8.89 -12.65
CA MET A 122 -11.51 -8.56 -11.49
C MET A 122 -10.73 -8.51 -10.18
N GLU A 123 -10.14 -9.65 -9.84
CA GLU A 123 -9.40 -9.86 -8.60
C GLU A 123 -8.45 -8.72 -8.29
N ASP A 124 -7.69 -8.28 -9.27
CA ASP A 124 -6.70 -7.25 -8.99
C ASP A 124 -7.35 -5.89 -8.86
N ILE A 125 -8.44 -5.67 -9.60
CA ILE A 125 -9.19 -4.43 -9.46
C ILE A 125 -9.75 -4.30 -8.04
N ASN A 126 -10.10 -5.44 -7.44
CA ASN A 126 -10.73 -5.49 -6.14
C ASN A 126 -9.74 -5.46 -4.99
N LEU A 127 -8.48 -5.67 -5.31
CA LEU A 127 -7.48 -5.76 -4.28
C LEU A 127 -6.48 -4.63 -4.50
N HIS A 128 -5.23 -4.93 -4.86
CA HIS A 128 -4.22 -3.86 -4.90
C HIS A 128 -4.26 -3.09 -6.19
N PHE A 129 -4.80 -3.74 -7.23
CA PHE A 129 -4.76 -3.19 -8.59
C PHE A 129 -3.36 -2.67 -8.91
N THR A 130 -3.23 -1.44 -9.35
CA THR A 130 -1.92 -0.92 -9.67
C THR A 130 -1.35 -0.15 -8.47
N GLY A 131 -1.98 -0.34 -7.31
CA GLY A 131 -1.49 0.31 -6.07
C GLY A 131 -1.70 1.83 -5.96
N ASP A 132 -2.67 2.33 -6.73
CA ASP A 132 -3.01 3.74 -6.65
C ASP A 132 -3.51 4.06 -5.25
N ILE A 133 -4.28 3.15 -4.61
CA ILE A 133 -4.80 3.49 -3.25
C ILE A 133 -3.70 3.53 -2.16
N HIS A 134 -2.70 2.65 -2.26
CA HIS A 134 -1.54 2.75 -1.38
C HIS A 134 -0.83 4.09 -1.54
N ALA A 135 -0.69 4.56 -2.78
CA ALA A 135 -0.03 5.85 -2.97
C ALA A 135 -0.81 6.96 -2.25
N VAL A 136 -2.14 6.87 -2.31
CA VAL A 136 -3.01 7.84 -1.68
C VAL A 136 -2.84 7.72 -0.16
N THR A 137 -2.94 6.50 0.36
CA THR A 137 -2.82 6.26 1.79
C THR A 137 -1.55 6.90 2.32
N TYR A 138 -0.41 6.60 1.69
CA TYR A 138 0.91 7.08 2.13
C TYR A 138 1.17 8.56 1.86
N ALA A 139 0.62 9.13 0.80
CA ALA A 139 0.77 10.55 0.63
C ALA A 139 0.07 11.20 1.83
N HIS A 140 -1.19 10.80 2.03
CA HIS A 140 -2.07 11.30 3.08
C HIS A 140 -1.52 11.19 4.49
N ASN A 141 -0.85 10.07 4.77
CA ASN A 141 -0.36 9.86 6.10
C ASN A 141 0.95 10.55 6.27
N LEU A 142 1.68 10.73 5.17
CA LEU A 142 2.91 11.50 5.29
C LEU A 142 2.60 12.93 5.76
N LEU A 143 1.56 13.54 5.20
CA LEU A 143 1.11 14.83 5.69
C LEU A 143 0.87 14.78 7.20
N ALA A 144 0.13 13.77 7.63
CA ALA A 144 -0.21 13.63 9.04
C ALA A 144 1.07 13.54 9.88
N ALA A 145 1.90 12.55 9.55
CA ALA A 145 3.15 12.34 10.27
C ALA A 145 3.94 13.64 10.33
N MET A 146 3.97 14.40 9.24
CA MET A 146 4.65 15.69 9.22
C MET A 146 4.04 16.72 10.16
N VAL A 147 2.72 16.80 10.17
CA VAL A 147 2.01 17.66 11.11
C VAL A 147 2.46 17.37 12.53
N ASP A 148 2.42 16.11 12.92
CA ASP A 148 2.76 15.73 14.27
C ASP A 148 4.20 16.05 14.62
N ASN A 149 5.12 15.74 13.71
CA ASN A 149 6.51 15.98 13.98
C ASN A 149 6.77 17.47 14.16
N HIS A 150 6.08 18.28 13.39
CA HIS A 150 6.23 19.70 13.49
C HIS A 150 5.85 20.12 14.91
N LEU A 151 4.69 19.65 15.40
CA LEU A 151 4.29 19.98 16.78
C LEU A 151 5.48 19.56 17.62
N GLN A 152 5.92 18.34 17.41
CA GLN A 152 6.98 17.77 18.20
C GLN A 152 8.27 18.59 18.19
N GLN A 153 8.51 19.39 17.14
CA GLN A 153 9.80 20.07 17.00
C GLN A 153 9.77 21.53 17.43
N GLY A 154 8.84 21.85 18.33
CA GLY A 154 8.78 23.18 18.92
C GLY A 154 7.71 24.04 18.29
N ASN A 155 6.98 23.46 17.36
CA ASN A 155 5.75 24.08 16.86
C ASN A 155 5.89 25.50 16.29
N VAL A 156 6.86 25.68 15.40
CA VAL A 156 7.17 27.00 14.87
C VAL A 156 5.96 27.68 14.24
N LEU A 157 5.15 26.92 13.52
CA LEU A 157 3.98 27.48 12.83
C LEU A 157 2.83 27.80 13.76
N ASN A 158 2.95 27.30 15.00
CA ASN A 158 2.06 27.65 16.09
C ASN A 158 0.62 27.07 15.98
N ILE A 159 0.53 25.81 15.58
CA ILE A 159 -0.75 25.12 15.43
C ILE A 159 -1.32 24.78 16.80
N ASP A 160 -2.62 24.99 16.94
CA ASP A 160 -3.41 24.47 18.04
C ASP A 160 -3.78 23.05 17.59
N PRO A 161 -3.15 22.03 18.19
CA PRO A 161 -3.31 20.62 17.82
C PRO A 161 -4.74 20.16 17.96
N ARG A 162 -5.52 20.98 18.64
CA ARG A 162 -6.87 20.66 18.99
C ARG A 162 -7.70 21.11 17.83
N THR A 163 -7.09 21.83 16.89
CA THR A 163 -7.85 22.32 15.75
C THR A 163 -7.54 21.60 14.45
N ILE A 164 -6.75 20.54 14.53
CA ILE A 164 -6.25 19.86 13.35
C ILE A 164 -7.38 19.07 12.74
N THR A 165 -7.65 19.36 11.48
CA THR A 165 -8.80 18.76 10.83
C THR A 165 -8.34 17.58 10.02
N TRP A 166 -7.05 17.57 9.69
CA TRP A 166 -6.44 16.51 8.87
C TRP A 166 -6.29 15.20 9.59
N ARG A 167 -7.09 14.21 9.24
CA ARG A 167 -6.95 12.95 9.95
C ARG A 167 -5.89 12.02 9.32
N ARG A 168 -6.02 10.74 9.60
CA ARG A 168 -5.08 9.74 9.13
C ARG A 168 -5.95 8.81 8.27
N VAL A 169 -5.37 7.84 7.58
CA VAL A 169 -6.17 7.09 6.64
C VAL A 169 -5.70 5.65 6.47
N ILE A 170 -6.64 4.74 6.21
CA ILE A 170 -6.34 3.29 5.97
C ILE A 170 -7.43 2.64 5.13
N ASP A 171 -7.07 1.75 4.21
CA ASP A 171 -8.09 1.28 3.28
C ASP A 171 -8.90 0.09 3.79
N LEU A 172 -9.18 0.08 5.10
CA LEU A 172 -9.97 -0.99 5.73
C LEU A 172 -11.13 -0.47 6.57
N ASN A 173 -12.20 -1.24 6.61
CA ASN A 173 -13.35 -0.94 7.42
C ASN A 173 -13.00 -1.17 8.89
N ASP A 174 -12.53 -0.12 9.56
CA ASP A 174 -12.08 -0.27 10.92
C ASP A 174 -12.64 0.83 11.81
N ARG A 175 -13.72 0.48 12.51
CA ARG A 175 -14.49 1.44 13.27
C ARG A 175 -13.71 1.91 14.48
N ALA A 176 -12.98 0.98 15.09
CA ALA A 176 -12.15 1.28 16.24
C ALA A 176 -11.20 2.47 15.98
N LEU A 177 -11.03 2.83 14.71
CA LEU A 177 -10.07 3.89 14.40
C LEU A 177 -10.81 5.20 14.18
N ARG A 178 -12.11 5.20 14.45
CA ARG A 178 -12.92 6.39 14.26
C ARG A 178 -12.48 7.51 15.16
N ASN A 179 -12.35 7.25 16.44
CA ASN A 179 -11.97 8.29 17.38
C ASN A 179 -10.90 7.71 18.24
N ILE A 180 -9.69 8.25 18.13
CA ILE A 180 -8.54 7.75 18.85
C ILE A 180 -7.76 8.89 19.50
N VAL A 181 -6.89 8.59 20.45
CA VAL A 181 -5.97 9.60 21.02
C VAL A 181 -4.54 9.22 20.69
N ILE A 182 -3.81 10.18 20.13
CA ILE A 182 -2.52 9.93 19.53
C ILE A 182 -1.43 10.60 20.36
N GLY A 183 -0.18 10.24 20.09
CA GLY A 183 0.96 10.96 20.70
C GLY A 183 1.09 10.89 22.23
N LEU A 184 1.06 9.68 22.79
CA LEU A 184 1.12 9.43 24.23
C LEU A 184 2.45 8.88 24.64
N GLY A 185 2.81 9.02 25.92
CA GLY A 185 4.06 8.45 26.44
C GLY A 185 5.10 9.49 26.88
N GLY A 186 4.85 10.77 26.66
CA GLY A 186 5.70 11.77 27.28
C GLY A 186 6.52 12.59 26.30
N LYS A 187 7.29 13.54 26.83
CA LYS A 187 8.02 14.49 25.98
C LYS A 187 8.68 13.87 24.76
N ALA A 188 9.10 12.62 24.83
CA ALA A 188 9.80 11.99 23.69
C ALA A 188 8.87 11.42 22.64
N ASN A 189 7.58 11.31 22.93
CA ASN A 189 6.74 10.48 22.06
C ASN A 189 5.70 11.23 21.27
N GLY A 190 5.95 12.52 21.07
CA GLY A 190 4.98 13.39 20.41
C GLY A 190 4.15 14.21 21.36
N VAL A 191 3.02 14.70 20.88
CA VAL A 191 2.14 15.60 21.60
C VAL A 191 0.73 15.00 21.54
N PRO A 192 0.13 14.75 22.71
CA PRO A 192 -1.21 14.16 22.84
C PRO A 192 -2.28 14.94 22.08
N ARG A 193 -3.08 14.25 21.28
CA ARG A 193 -4.16 14.92 20.58
C ARG A 193 -5.17 13.92 20.14
N GLU A 194 -6.42 14.37 20.01
CA GLU A 194 -7.52 13.56 19.48
C GLU A 194 -7.62 13.57 17.93
N THR A 195 -7.72 12.38 17.31
CA THR A 195 -7.96 12.24 15.87
C THR A 195 -8.70 10.94 15.56
N GLY A 196 -8.41 10.39 14.38
CA GLY A 196 -8.98 9.16 13.92
C GLY A 196 -8.56 8.92 12.50
N PHE A 197 -9.14 7.89 11.90
CA PHE A 197 -8.75 7.39 10.60
C PHE A 197 -10.03 7.33 9.83
N ASP A 198 -9.99 7.82 8.59
CA ASP A 198 -11.07 7.60 7.63
C ASP A 198 -10.63 6.62 6.56
N ILE A 199 -11.58 5.99 5.88
CA ILE A 199 -11.19 4.98 4.88
C ILE A 199 -10.43 5.64 3.72
N SER A 200 -9.29 5.05 3.36
CA SER A 200 -8.40 5.66 2.34
C SER A 200 -9.12 6.39 1.20
N VAL A 201 -10.18 5.81 0.64
CA VAL A 201 -10.82 6.41 -0.53
C VAL A 201 -11.59 7.68 -0.22
N ALA A 202 -11.88 7.89 1.07
CA ALA A 202 -12.49 9.11 1.60
C ALA A 202 -11.48 10.24 1.78
N SER A 203 -10.20 9.93 1.60
CA SER A 203 -9.16 10.94 1.69
C SER A 203 -9.31 12.09 0.66
N GLU A 204 -9.04 13.33 1.10
CA GLU A 204 -8.97 14.44 0.15
C GLU A 204 -7.83 14.27 -0.86
N VAL A 205 -6.82 13.48 -0.49
CA VAL A 205 -5.71 13.23 -1.38
C VAL A 205 -6.29 12.48 -2.56
N MET A 206 -7.26 11.61 -2.29
CA MET A 206 -7.94 10.91 -3.35
C MET A 206 -8.87 11.81 -4.13
N ALA A 207 -9.50 12.78 -3.50
CA ALA A 207 -10.40 13.65 -4.26
C ALA A 207 -9.57 14.47 -5.21
N CYS A 208 -8.41 14.92 -4.77
CA CYS A 208 -7.47 15.71 -5.59
C CYS A 208 -6.95 15.00 -6.82
N LEU A 209 -6.54 13.74 -6.62
CA LEU A 209 -6.08 12.89 -7.71
C LEU A 209 -7.14 12.88 -8.79
N CYS A 210 -8.40 12.66 -8.40
CA CYS A 210 -9.50 12.67 -9.35
C CYS A 210 -9.74 14.01 -10.06
N LEU A 211 -9.35 15.11 -9.43
CA LEU A 211 -9.66 16.43 -9.98
C LEU A 211 -8.45 17.17 -10.57
N ALA A 212 -7.27 16.64 -10.34
CA ALA A 212 -6.03 17.12 -10.93
C ALA A 212 -5.97 16.98 -12.46
N SER A 213 -5.29 17.89 -13.10
CA SER A 213 -5.01 17.80 -14.54
C SER A 213 -3.66 17.13 -14.89
N ASP A 214 -2.63 17.32 -14.07
CA ASP A 214 -1.35 16.62 -14.22
C ASP A 214 -0.65 16.52 -12.85
N LEU A 215 0.58 16.03 -12.81
CA LEU A 215 1.30 15.95 -11.53
C LEU A 215 1.57 17.33 -10.92
N MET A 216 1.90 18.35 -11.73
CA MET A 216 2.13 19.68 -11.15
C MET A 216 0.87 20.28 -10.54
N ASP A 217 -0.28 20.16 -11.18
CA ASP A 217 -1.48 20.74 -10.59
C ASP A 217 -1.83 19.96 -9.32
N LEU A 218 -1.70 18.64 -9.34
CA LEU A 218 -1.95 17.89 -8.13
C LEU A 218 -0.96 18.31 -7.04
N LYS A 219 0.29 18.59 -7.44
CA LYS A 219 1.32 19.03 -6.48
C LYS A 219 0.93 20.37 -5.93
N GLU A 220 0.30 21.20 -6.75
CA GLU A 220 -0.10 22.50 -6.31
C GLU A 220 -1.27 22.38 -5.35
N ARG A 221 -2.27 21.60 -5.76
CA ARG A 221 -3.49 21.35 -4.94
C ARG A 221 -3.22 20.93 -3.51
N PHE A 222 -2.09 20.26 -3.31
CA PHE A 222 -1.66 19.70 -2.02
C PHE A 222 -1.18 20.80 -1.17
N SER A 223 -0.54 21.79 -1.78
CA SER A 223 0.02 22.87 -1.02
C SER A 223 -1.08 23.77 -0.45
N ARG A 224 -2.32 23.58 -0.87
CA ARG A 224 -3.45 24.42 -0.40
C ARG A 224 -4.26 23.72 0.62
N ILE A 225 -3.91 22.47 0.90
CA ILE A 225 -4.67 21.64 1.82
C ILE A 225 -4.54 22.23 3.20
N VAL A 226 -5.67 22.56 3.79
CA VAL A 226 -5.68 23.07 5.14
C VAL A 226 -5.74 21.92 6.16
N VAL A 227 -4.82 21.98 7.10
CA VAL A 227 -4.63 20.89 8.06
C VAL A 227 -5.18 21.26 9.44
N GLY A 228 -5.11 22.54 9.78
CA GLY A 228 -5.49 23.04 11.11
C GLY A 228 -5.38 24.54 11.20
N TYR A 229 -5.39 25.07 12.41
CA TYR A 229 -5.43 26.51 12.59
C TYR A 229 -4.43 26.91 13.67
N THR A 230 -3.87 28.10 13.59
CA THR A 230 -2.99 28.52 14.69
C THR A 230 -3.80 28.87 15.93
N TYR A 231 -3.08 29.06 17.04
CA TYR A 231 -3.68 29.57 18.26
C TYR A 231 -4.45 30.84 18.02
N ASP A 232 -4.18 31.51 16.89
CA ASP A 232 -4.84 32.75 16.50
C ASP A 232 -5.96 32.63 15.48
N GLY A 233 -6.15 31.44 14.91
CA GLY A 233 -7.18 31.24 13.93
C GLY A 233 -6.75 31.33 12.48
N LYS A 234 -5.51 31.75 12.21
CA LYS A 234 -4.96 31.68 10.84
C LYS A 234 -4.93 30.24 10.36
N PRO A 235 -5.33 29.99 9.12
CA PRO A 235 -5.22 28.63 8.55
C PRO A 235 -3.75 28.20 8.39
N VAL A 236 -3.49 26.92 8.58
CA VAL A 236 -2.13 26.42 8.35
C VAL A 236 -2.32 25.39 7.27
N THR A 237 -1.40 25.38 6.31
CA THR A 237 -1.61 24.55 5.12
C THR A 237 -0.49 23.55 4.99
N ALA A 238 -0.66 22.59 4.08
CA ALA A 238 0.43 21.67 3.71
C ALA A 238 1.61 22.40 3.06
N GLY A 239 1.30 23.44 2.28
CA GLY A 239 2.35 24.24 1.69
C GLY A 239 3.24 24.80 2.80
N ASP A 240 2.60 25.39 3.81
CA ASP A 240 3.26 25.84 5.04
C ASP A 240 4.15 24.77 5.69
N LEU A 241 3.83 23.49 5.52
CA LEU A 241 4.73 22.42 6.02
C LEU A 241 5.67 21.91 4.94
N GLU A 242 5.66 22.53 3.76
CA GLU A 242 6.61 22.17 2.71
C GLU A 242 6.54 20.67 2.43
N ALA A 243 5.32 20.14 2.45
CA ALA A 243 5.07 18.71 2.28
C ALA A 243 4.63 18.30 0.86
N GLN A 244 4.20 19.27 0.06
CA GLN A 244 3.60 18.94 -1.22
C GLN A 244 4.56 18.23 -2.20
N GLY A 245 5.82 18.68 -2.25
CA GLY A 245 6.81 18.00 -3.05
C GLY A 245 6.74 16.51 -2.78
N SER A 246 6.78 16.16 -1.51
CA SER A 246 6.94 14.78 -1.10
C SER A 246 5.71 13.96 -1.37
N MET A 247 4.56 14.58 -1.22
CA MET A 247 3.31 13.87 -1.41
C MET A 247 3.25 13.58 -2.90
N ALA A 248 3.55 14.63 -3.68
CA ALA A 248 3.64 14.50 -5.12
C ALA A 248 4.51 13.29 -5.48
N LEU A 249 5.67 13.19 -4.87
CA LEU A 249 6.55 12.07 -5.12
C LEU A 249 5.84 10.73 -4.95
N LEU A 250 5.12 10.56 -3.85
CA LEU A 250 4.40 9.32 -3.62
C LEU A 250 3.30 9.04 -4.66
N MET A 251 2.97 10.02 -5.49
CA MET A 251 1.87 9.88 -6.46
C MET A 251 2.35 9.83 -7.92
N LYS A 252 3.68 9.75 -8.06
CA LYS A 252 4.40 9.72 -9.35
C LYS A 252 3.75 8.74 -10.33
N ASP A 253 3.43 7.54 -9.85
CA ASP A 253 2.71 6.54 -10.66
C ASP A 253 1.20 6.58 -10.52
N ALA A 254 0.72 6.76 -9.29
CA ALA A 254 -0.70 6.93 -9.11
C ALA A 254 -1.32 7.98 -10.05
N ILE A 255 -0.56 8.98 -10.51
CA ILE A 255 -1.11 9.98 -11.43
C ILE A 255 -1.50 9.45 -12.83
N LYS A 256 -1.04 8.25 -13.20
CA LYS A 256 -1.35 7.74 -14.54
C LYS A 256 -2.59 6.83 -14.57
N PRO A 257 -3.47 7.01 -15.57
CA PRO A 257 -4.67 6.14 -15.52
C PRO A 257 -4.28 4.69 -15.79
N ASN A 258 -5.16 3.73 -15.47
CA ASN A 258 -4.83 2.33 -15.72
C ASN A 258 -5.69 1.73 -16.84
N LEU A 259 -5.04 1.19 -17.89
CA LEU A 259 -5.77 0.56 -18.98
C LEU A 259 -6.06 -0.91 -18.70
N VAL A 260 -7.34 -1.26 -18.85
CA VAL A 260 -7.86 -2.64 -18.66
C VAL A 260 -9.04 -2.89 -19.65
N GLN A 261 -9.81 -3.96 -19.51
CA GLN A 261 -10.85 -4.22 -20.52
C GLN A 261 -12.14 -4.86 -20.03
N THR A 262 -13.23 -4.63 -20.77
CA THR A 262 -14.48 -5.33 -20.51
C THR A 262 -14.33 -6.82 -20.84
N LEU A 263 -15.26 -7.64 -20.37
CA LEU A 263 -15.28 -9.05 -20.72
C LEU A 263 -15.16 -9.21 -22.23
N GLU A 264 -15.56 -8.18 -22.99
CA GLU A 264 -15.51 -8.28 -24.45
C GLU A 264 -14.28 -7.65 -25.08
N ASN A 265 -13.26 -7.33 -24.27
CA ASN A 265 -12.04 -6.71 -24.80
C ASN A 265 -12.21 -5.24 -25.20
N THR A 266 -13.26 -4.57 -24.74
CA THR A 266 -13.32 -3.14 -24.98
C THR A 266 -12.41 -2.38 -24.01
N PRO A 267 -11.56 -1.49 -24.54
CA PRO A 267 -10.64 -0.89 -23.58
C PRO A 267 -11.42 -0.11 -22.53
N ALA A 268 -10.84 0.00 -21.35
CA ALA A 268 -11.49 0.61 -20.21
C ALA A 268 -10.44 1.20 -19.33
N PHE A 269 -10.73 2.37 -18.77
CA PHE A 269 -9.86 3.05 -17.82
C PHE A 269 -10.40 2.94 -16.41
N ILE A 270 -9.59 2.49 -15.47
CA ILE A 270 -9.96 2.58 -14.05
C ILE A 270 -8.91 3.40 -13.30
N HIS A 271 -9.37 4.44 -12.60
CA HIS A 271 -8.48 5.43 -12.02
C HIS A 271 -9.17 6.36 -11.02
N GLY A 272 -8.86 6.16 -9.74
CA GLY A 272 -9.42 6.99 -8.69
C GLY A 272 -10.81 6.50 -8.32
N GLY A 273 -11.21 6.76 -7.09
CA GLY A 273 -12.50 6.33 -6.65
C GLY A 273 -12.67 6.97 -5.32
N PRO A 274 -13.23 8.20 -5.31
CA PRO A 274 -13.61 8.90 -4.09
C PRO A 274 -15.07 8.68 -3.70
N PHE A 275 -15.40 9.10 -2.51
CA PHE A 275 -16.75 9.09 -1.97
C PHE A 275 -17.67 10.01 -2.80
N ALA A 276 -18.96 9.72 -2.78
CA ALA A 276 -19.90 10.58 -3.52
C ALA A 276 -20.69 11.53 -2.59
N ASN A 277 -20.43 11.48 -1.29
CA ASN A 277 -21.09 12.44 -0.45
C ASN A 277 -20.14 13.54 -0.02
N ILE A 278 -19.06 13.14 0.64
CA ILE A 278 -18.14 14.10 1.13
C ILE A 278 -17.16 14.53 0.00
N ALA A 279 -17.35 13.95 -1.19
CA ALA A 279 -16.65 14.30 -2.44
C ALA A 279 -17.62 14.06 -3.60
N HIS A 280 -17.11 14.05 -4.85
CA HIS A 280 -17.97 14.08 -6.07
C HIS A 280 -18.24 12.71 -6.77
N GLY A 281 -17.75 11.61 -6.16
CA GLY A 281 -17.97 10.25 -6.64
C GLY A 281 -17.74 9.98 -8.13
N CYS A 282 -16.72 10.58 -8.73
CA CYS A 282 -16.38 10.35 -10.13
C CYS A 282 -14.95 9.84 -10.26
N ASN A 283 -14.65 9.09 -11.31
CA ASN A 283 -13.26 8.75 -11.59
C ASN A 283 -12.51 9.97 -12.09
N SER A 284 -11.22 9.80 -12.34
CA SER A 284 -10.32 10.95 -12.50
C SER A 284 -10.52 11.64 -13.83
N ILE A 285 -10.39 12.96 -13.81
CA ILE A 285 -10.41 13.82 -14.98
C ILE A 285 -9.35 13.32 -15.98
N ILE A 286 -8.16 12.99 -15.48
CA ILE A 286 -7.09 12.45 -16.32
C ILE A 286 -7.49 11.25 -17.22
N ALA A 287 -8.10 10.22 -16.63
CA ALA A 287 -8.61 9.10 -17.42
C ALA A 287 -9.64 9.59 -18.45
N THR A 288 -10.76 10.15 -17.96
CA THR A 288 -11.80 10.71 -18.83
C THR A 288 -11.20 11.59 -19.94
N LYS A 289 -10.42 12.62 -19.61
CA LYS A 289 -9.89 13.49 -20.68
C LYS A 289 -8.95 12.76 -21.69
N THR A 290 -8.16 11.81 -21.21
CA THR A 290 -7.36 10.97 -22.09
C THR A 290 -8.27 10.11 -22.98
N ALA A 291 -9.41 9.71 -22.45
CA ALA A 291 -10.33 8.86 -23.22
C ALA A 291 -11.08 9.63 -24.30
N LEU A 292 -11.35 10.91 -24.06
CA LEU A 292 -11.98 11.73 -25.10
C LEU A 292 -11.08 11.92 -26.32
N LYS A 293 -9.76 11.94 -26.11
CA LYS A 293 -8.83 12.06 -27.24
C LYS A 293 -8.53 10.69 -27.91
N LEU A 294 -8.51 9.59 -27.17
CA LEU A 294 -8.28 8.27 -27.82
C LEU A 294 -9.51 7.64 -28.53
N ALA A 295 -10.71 8.07 -28.13
CA ALA A 295 -11.94 7.40 -28.55
C ALA A 295 -12.95 8.36 -29.14
N ASP A 296 -13.88 7.86 -29.95
CA ASP A 296 -14.96 8.70 -30.51
C ASP A 296 -16.08 8.86 -29.51
N TYR A 297 -16.23 7.87 -28.63
CA TYR A 297 -17.25 7.91 -27.60
C TYR A 297 -16.65 7.48 -26.26
N VAL A 298 -17.05 8.17 -25.20
CA VAL A 298 -16.58 7.80 -23.87
C VAL A 298 -17.75 7.64 -22.90
N VAL A 299 -17.88 6.46 -22.30
CA VAL A 299 -18.93 6.27 -21.33
C VAL A 299 -18.28 6.35 -19.94
N THR A 300 -18.92 7.08 -19.04
CA THR A 300 -18.49 7.16 -17.66
C THR A 300 -19.73 7.28 -16.76
N GLU A 301 -19.53 7.10 -15.46
CA GLU A 301 -20.64 7.07 -14.50
C GLU A 301 -20.31 7.88 -13.25
N ALA A 302 -21.29 8.07 -12.36
CA ALA A 302 -21.03 8.80 -11.10
C ALA A 302 -21.69 8.13 -9.92
N GLY A 303 -21.04 8.22 -8.77
CA GLY A 303 -21.58 7.60 -7.55
C GLY A 303 -23.00 8.02 -7.16
N PHE A 304 -23.70 7.13 -6.44
CA PHE A 304 -25.06 7.39 -5.95
C PHE A 304 -26.07 7.68 -7.06
N GLY A 305 -27.23 8.21 -6.67
CA GLY A 305 -28.28 8.60 -7.59
C GLY A 305 -27.86 9.84 -8.35
N ALA A 306 -28.69 10.26 -9.31
CA ALA A 306 -28.40 11.44 -10.12
C ALA A 306 -28.45 12.78 -9.34
N ASP A 307 -29.13 12.84 -8.20
CA ASP A 307 -29.30 14.07 -7.44
C ASP A 307 -27.99 14.46 -6.78
N LEU A 308 -27.17 13.46 -6.44
CA LEU A 308 -25.83 13.68 -5.93
C LEU A 308 -24.71 13.52 -7.01
N GLY A 309 -24.47 12.29 -7.48
CA GLY A 309 -23.36 12.03 -8.37
C GLY A 309 -23.44 12.72 -9.75
N ALA A 310 -24.57 12.63 -10.41
CA ALA A 310 -24.74 13.35 -11.67
C ALA A 310 -24.57 14.86 -11.48
N GLU A 311 -25.14 15.38 -10.39
CA GLU A 311 -25.03 16.81 -10.07
C GLU A 311 -23.58 17.24 -9.94
N LYS A 312 -22.83 16.52 -9.12
CA LYS A 312 -21.42 16.81 -8.90
C LYS A 312 -20.51 16.63 -10.13
N PHE A 313 -20.78 15.58 -10.92
CA PHE A 313 -20.14 15.38 -12.24
C PHE A 313 -20.27 16.61 -13.12
N TYR A 314 -21.45 17.23 -13.11
CA TYR A 314 -21.68 18.41 -13.92
C TYR A 314 -21.00 19.63 -13.29
N ASP A 315 -21.24 19.80 -12.00
CA ASP A 315 -20.98 21.07 -11.33
C ASP A 315 -19.59 21.17 -10.71
N VAL A 316 -18.88 20.06 -10.66
CA VAL A 316 -17.51 20.04 -10.17
C VAL A 316 -16.55 19.51 -11.24
N LYS A 317 -16.64 18.22 -11.56
CA LYS A 317 -15.76 17.63 -12.58
C LYS A 317 -15.84 18.32 -13.96
N CYS A 318 -17.04 18.38 -14.55
CA CYS A 318 -17.17 19.09 -15.83
C CYS A 318 -16.72 20.56 -15.77
N ARG A 319 -17.01 21.23 -14.65
CA ARG A 319 -16.61 22.59 -14.49
C ARG A 319 -15.06 22.81 -14.67
N TYR A 320 -14.29 21.95 -14.00
CA TYR A 320 -12.85 22.08 -13.98
C TYR A 320 -12.22 21.71 -15.31
N ALA A 321 -12.88 20.82 -16.05
CA ALA A 321 -12.28 20.17 -17.23
C ALA A 321 -12.77 20.75 -18.53
N GLY A 322 -13.81 21.58 -18.47
CA GLY A 322 -14.42 22.03 -19.71
C GLY A 322 -15.21 20.98 -20.48
N PHE A 323 -15.57 19.88 -19.83
CA PHE A 323 -16.34 18.84 -20.50
C PHE A 323 -17.71 19.41 -20.80
N LYS A 324 -18.30 19.01 -21.92
CA LYS A 324 -19.70 19.35 -22.18
C LYS A 324 -20.44 18.06 -22.45
N PRO A 325 -20.94 17.39 -21.39
CA PRO A 325 -21.64 16.13 -21.56
C PRO A 325 -22.67 16.18 -22.73
N ASP A 326 -22.61 15.16 -23.57
CA ASP A 326 -23.46 15.04 -24.73
C ASP A 326 -24.80 14.31 -24.50
N ALA A 327 -24.78 13.28 -23.66
CA ALA A 327 -26.03 12.61 -23.27
C ALA A 327 -25.91 12.06 -21.86
N THR A 328 -27.01 11.60 -21.30
CA THR A 328 -26.93 10.97 -20.02
C THR A 328 -27.88 9.81 -19.96
N VAL A 329 -27.35 8.68 -19.51
CA VAL A 329 -28.14 7.50 -19.39
C VAL A 329 -28.50 7.35 -17.93
N ILE A 330 -29.78 7.25 -17.67
CA ILE A 330 -30.27 7.18 -16.30
C ILE A 330 -30.85 5.79 -16.09
N VAL A 331 -30.30 5.06 -15.12
CA VAL A 331 -30.65 3.64 -14.91
C VAL A 331 -31.76 3.48 -13.88
N ALA A 332 -32.75 2.65 -14.18
CA ALA A 332 -33.81 2.37 -13.22
C ALA A 332 -34.26 0.92 -13.30
N THR A 333 -34.86 0.40 -12.24
CA THR A 333 -35.47 -0.90 -12.32
C THR A 333 -36.92 -0.81 -11.91
N VAL A 334 -37.72 -1.79 -12.36
CA VAL A 334 -39.13 -1.92 -11.94
C VAL A 334 -39.18 -2.04 -10.43
N ARG A 335 -38.31 -2.90 -9.87
CA ARG A 335 -38.31 -3.24 -8.45
C ARG A 335 -38.00 -2.05 -7.57
N ALA A 336 -37.01 -1.23 -7.95
CA ALA A 336 -36.74 -0.01 -7.17
C ALA A 336 -37.88 1.03 -7.26
N LEU A 337 -38.41 1.20 -8.47
CA LEU A 337 -39.48 2.17 -8.66
C LEU A 337 -40.67 1.81 -7.79
N LYS A 338 -40.90 0.50 -7.63
CA LYS A 338 -42.02 0.06 -6.82
C LYS A 338 -41.72 0.30 -5.34
N MET A 339 -40.46 0.16 -4.95
CA MET A 339 -40.15 0.49 -3.58
C MET A 339 -40.52 1.94 -3.36
N HIS A 340 -40.12 2.80 -4.32
CA HIS A 340 -40.38 4.23 -4.18
C HIS A 340 -41.84 4.56 -4.10
N GLY A 341 -42.66 3.68 -4.67
CA GLY A 341 -44.09 3.84 -4.62
C GLY A 341 -44.67 3.19 -3.39
N GLY A 342 -43.82 2.73 -2.48
CA GLY A 342 -44.33 2.25 -1.21
C GLY A 342 -44.22 0.78 -0.86
N VAL A 343 -43.81 -0.06 -1.84
CA VAL A 343 -43.72 -1.50 -1.61
C VAL A 343 -42.52 -1.94 -0.79
N PRO A 344 -42.77 -2.76 0.25
CA PRO A 344 -41.65 -3.19 1.11
C PRO A 344 -40.72 -4.14 0.37
N LYS A 345 -39.47 -4.20 0.83
CA LYS A 345 -38.43 -4.96 0.13
C LYS A 345 -38.92 -6.35 -0.22
N SER A 346 -39.57 -7.02 0.73
CA SER A 346 -39.93 -8.42 0.55
C SER A 346 -40.97 -8.70 -0.53
N ASP A 347 -41.87 -7.76 -0.79
CA ASP A 347 -43.02 -8.03 -1.65
C ASP A 347 -42.79 -7.48 -3.08
N LEU A 348 -41.52 -7.40 -3.48
CA LEU A 348 -41.16 -6.75 -4.75
C LEU A 348 -41.46 -7.52 -6.04
N ALA A 349 -41.43 -8.86 -5.96
CA ALA A 349 -41.81 -9.69 -7.10
C ALA A 349 -43.25 -9.50 -7.54
N THR A 350 -44.17 -9.28 -6.60
CA THR A 350 -45.59 -9.20 -6.94
C THR A 350 -45.94 -7.99 -7.81
N GLU A 351 -46.54 -8.28 -8.95
CA GLU A 351 -47.01 -7.25 -9.88
C GLU A 351 -47.80 -6.21 -9.11
N ASN A 352 -47.57 -4.94 -9.45
CA ASN A 352 -48.19 -3.80 -8.77
C ASN A 352 -48.00 -2.53 -9.59
N LEU A 353 -48.82 -2.37 -10.63
CA LEU A 353 -48.67 -1.24 -11.54
C LEU A 353 -48.94 0.04 -10.80
N GLU A 354 -49.67 -0.03 -9.69
CA GLU A 354 -50.02 1.20 -8.97
C GLU A 354 -48.78 1.75 -8.27
N ALA A 355 -48.05 0.92 -7.55
CA ALA A 355 -46.84 1.40 -6.91
C ALA A 355 -45.76 1.73 -7.95
N LEU A 356 -45.83 1.09 -9.13
CA LEU A 356 -44.90 1.39 -10.23
C LEU A 356 -45.17 2.80 -10.70
N ARG A 357 -46.44 3.07 -10.97
CA ARG A 357 -46.88 4.39 -11.40
C ARG A 357 -46.49 5.45 -10.38
N GLU A 358 -46.84 5.20 -9.11
CA GLU A 358 -46.53 6.10 -8.02
C GLU A 358 -45.02 6.26 -7.84
N GLY A 359 -44.28 5.17 -7.97
CA GLY A 359 -42.83 5.23 -7.77
C GLY A 359 -42.11 5.93 -8.92
N PHE A 360 -42.66 5.85 -10.11
CA PHE A 360 -42.06 6.55 -11.23
C PHE A 360 -41.73 8.02 -10.90
N ALA A 361 -42.49 8.66 -10.02
CA ALA A 361 -42.18 10.03 -9.65
C ALA A 361 -40.69 10.23 -9.35
N ASN A 362 -40.05 9.26 -8.68
CA ASN A 362 -38.60 9.35 -8.45
C ASN A 362 -37.83 9.48 -9.79
N LEU A 363 -38.12 8.58 -10.72
CA LEU A 363 -37.48 8.62 -12.02
C LEU A 363 -37.86 9.91 -12.75
N GLU A 364 -39.14 10.27 -12.74
CA GLU A 364 -39.54 11.48 -13.43
C GLU A 364 -38.63 12.64 -13.02
N LYS A 365 -38.38 12.79 -11.72
CA LYS A 365 -37.70 13.95 -11.21
C LYS A 365 -36.27 14.04 -11.69
N HIS A 366 -35.58 12.90 -11.64
CA HIS A 366 -34.21 12.79 -12.14
C HIS A 366 -34.12 13.13 -13.60
N ILE A 367 -35.11 12.70 -14.38
CA ILE A 367 -35.12 13.10 -15.78
C ILE A 367 -35.16 14.63 -15.81
N GLU A 368 -36.14 15.19 -15.13
CA GLU A 368 -36.34 16.62 -15.12
C GLU A 368 -35.04 17.31 -14.76
N ASN A 369 -34.34 16.80 -13.76
CA ASN A 369 -33.10 17.42 -13.27
C ASN A 369 -32.02 17.47 -14.34
N ILE A 370 -31.78 16.34 -14.99
CA ILE A 370 -30.79 16.23 -16.06
C ILE A 370 -31.10 17.25 -17.14
N GLY A 371 -32.40 17.49 -17.33
CA GLY A 371 -32.88 18.47 -18.28
C GLY A 371 -32.29 19.82 -17.92
N LYS A 372 -32.23 20.10 -16.61
CA LYS A 372 -31.78 21.39 -16.13
C LYS A 372 -30.30 21.67 -16.39
N PHE A 373 -29.57 20.75 -16.99
CA PHE A 373 -28.18 21.06 -17.28
C PHE A 373 -28.00 21.19 -18.78
N GLY A 374 -29.09 20.98 -19.51
CA GLY A 374 -29.08 21.15 -20.94
C GLY A 374 -28.59 19.89 -21.61
N VAL A 375 -28.61 18.77 -20.87
CA VAL A 375 -28.21 17.50 -21.46
C VAL A 375 -29.38 16.57 -21.57
N PRO A 376 -29.65 16.07 -22.79
CA PRO A 376 -30.71 15.12 -23.08
C PRO A 376 -30.50 13.79 -22.35
N ALA A 377 -31.58 13.24 -21.82
CA ALA A 377 -31.56 12.02 -21.00
C ALA A 377 -32.08 10.83 -21.78
N VAL A 378 -31.57 9.64 -21.48
CA VAL A 378 -32.18 8.39 -21.94
C VAL A 378 -32.24 7.44 -20.77
N VAL A 379 -33.42 6.89 -20.48
CA VAL A 379 -33.55 5.90 -19.42
C VAL A 379 -33.13 4.52 -19.93
N ALA A 380 -32.48 3.76 -19.04
CA ALA A 380 -32.16 2.35 -19.27
C ALA A 380 -32.92 1.50 -18.27
N ILE A 381 -33.83 0.66 -18.75
CA ILE A 381 -34.49 -0.27 -17.85
C ILE A 381 -33.66 -1.53 -17.67
N ASN A 382 -33.06 -1.70 -16.49
CA ASN A 382 -32.36 -2.93 -16.14
C ASN A 382 -33.36 -4.06 -15.85
N ALA A 383 -33.61 -4.89 -16.86
CA ALA A 383 -34.56 -5.99 -16.76
C ALA A 383 -34.26 -7.02 -15.67
N PHE A 384 -35.31 -7.44 -14.98
CA PHE A 384 -35.23 -8.52 -14.03
C PHE A 384 -36.24 -9.57 -14.42
N PRO A 385 -35.89 -10.86 -14.18
CA PRO A 385 -36.80 -11.93 -14.64
C PRO A 385 -38.25 -11.83 -14.11
N THR A 386 -38.43 -11.22 -12.96
CA THR A 386 -39.76 -11.12 -12.35
C THR A 386 -40.66 -10.01 -12.91
N ASP A 387 -40.11 -9.15 -13.76
CA ASP A 387 -40.85 -8.02 -14.26
C ASP A 387 -41.86 -8.46 -15.31
N THR A 388 -43.14 -8.21 -15.07
CA THR A 388 -44.17 -8.57 -16.04
C THR A 388 -44.10 -7.66 -17.27
N GLU A 389 -44.68 -8.11 -18.38
CA GLU A 389 -44.84 -7.28 -19.56
C GLU A 389 -45.64 -6.01 -19.24
N ALA A 390 -46.77 -6.18 -18.53
CA ALA A 390 -47.64 -5.07 -18.13
C ALA A 390 -46.84 -3.96 -17.43
N GLU A 391 -46.04 -4.39 -16.45
CA GLU A 391 -45.04 -3.55 -15.80
C GLU A 391 -44.04 -2.88 -16.76
N LEU A 392 -43.21 -3.65 -17.44
CA LEU A 392 -42.23 -3.03 -18.33
C LEU A 392 -42.93 -2.04 -19.25
N ASN A 393 -44.00 -2.48 -19.91
CA ASN A 393 -44.75 -1.64 -20.82
C ASN A 393 -45.23 -0.33 -20.23
N LEU A 394 -45.69 -0.35 -18.98
CA LEU A 394 -46.15 0.89 -18.36
C LEU A 394 -44.95 1.79 -18.12
N LEU A 395 -43.83 1.17 -17.77
CA LEU A 395 -42.66 1.96 -17.58
C LEU A 395 -42.28 2.76 -18.86
N TYR A 396 -42.54 2.22 -20.06
CA TYR A 396 -42.23 2.96 -21.31
C TYR A 396 -43.20 4.07 -21.55
N GLU A 397 -44.50 3.73 -21.64
CA GLU A 397 -45.56 4.74 -21.70
C GLU A 397 -45.12 5.86 -20.74
N LEU A 398 -44.77 5.48 -19.51
CA LEU A 398 -44.43 6.48 -18.51
C LEU A 398 -43.27 7.38 -18.87
N CYS A 399 -42.20 6.82 -19.43
CA CYS A 399 -41.06 7.62 -19.87
C CYS A 399 -41.39 8.62 -21.03
N ALA A 400 -42.68 8.96 -21.18
CA ALA A 400 -43.26 9.97 -22.12
C ALA A 400 -42.30 11.05 -22.64
N LYS A 401 -41.37 11.53 -21.80
CA LYS A 401 -40.39 12.64 -22.09
C LYS A 401 -39.02 12.19 -22.73
N ALA A 402 -38.55 11.02 -22.35
CA ALA A 402 -37.20 10.61 -22.66
C ALA A 402 -37.19 9.33 -23.48
N GLY A 403 -36.07 9.07 -24.19
CA GLY A 403 -35.84 7.76 -24.81
C GLY A 403 -35.77 6.72 -23.71
N ALA A 404 -36.39 5.56 -23.97
CA ALA A 404 -36.42 4.45 -23.03
C ALA A 404 -35.89 3.21 -23.76
N GLU A 405 -35.39 2.25 -23.02
CA GLU A 405 -35.07 0.96 -23.59
C GLU A 405 -35.02 -0.13 -22.50
N VAL A 406 -34.97 -1.40 -22.87
CA VAL A 406 -34.70 -2.39 -21.87
C VAL A 406 -33.22 -2.78 -22.06
N ALA A 407 -32.47 -2.89 -20.97
CA ALA A 407 -31.08 -3.33 -21.05
C ALA A 407 -31.12 -4.72 -20.53
N LEU A 408 -30.64 -5.66 -21.34
CA LEU A 408 -30.42 -7.01 -20.87
C LEU A 408 -28.91 -7.23 -20.87
N SER A 409 -28.23 -6.28 -20.47
CA SER A 409 -26.75 -6.29 -20.51
C SER A 409 -26.06 -7.26 -19.54
N TRP A 410 -26.75 -7.58 -18.45
CA TRP A 410 -26.26 -8.46 -17.43
C TRP A 410 -26.27 -9.89 -17.95
N ALA A 411 -27.40 -10.30 -18.45
CA ALA A 411 -27.59 -11.65 -18.96
C ALA A 411 -26.85 -11.86 -20.28
N LYS A 412 -27.04 -10.93 -21.24
CA LYS A 412 -26.55 -11.13 -22.61
C LYS A 412 -25.42 -10.22 -23.12
N GLY A 413 -24.52 -9.76 -22.26
CA GLY A 413 -23.39 -8.87 -22.66
C GLY A 413 -23.79 -7.73 -23.57
N GLY A 414 -22.86 -7.20 -24.37
CA GLY A 414 -23.18 -6.13 -25.33
C GLY A 414 -24.48 -6.26 -26.13
N GLU A 415 -24.83 -7.49 -26.50
CA GLU A 415 -26.03 -7.70 -27.27
C GLU A 415 -27.30 -7.22 -26.52
N GLY A 416 -27.36 -7.45 -25.21
CA GLY A 416 -28.44 -6.86 -24.41
C GLY A 416 -28.44 -5.34 -24.39
N GLY A 417 -27.32 -4.74 -24.74
CA GLY A 417 -27.24 -3.29 -24.73
C GLY A 417 -27.51 -2.66 -26.05
N LEU A 418 -27.75 -3.46 -27.08
CA LEU A 418 -27.88 -2.93 -28.44
C LEU A 418 -29.00 -1.94 -28.59
N GLU A 419 -30.14 -2.21 -27.96
CA GLU A 419 -31.30 -1.33 -28.08
C GLU A 419 -30.95 0.06 -27.49
N LEU A 420 -30.37 0.01 -26.28
CA LEU A 420 -29.98 1.20 -25.55
C LEU A 420 -28.95 1.98 -26.34
N ALA A 421 -27.98 1.25 -26.88
CA ALA A 421 -26.88 1.88 -27.56
C ALA A 421 -27.48 2.68 -28.69
N ARG A 422 -28.44 2.05 -29.35
CA ARG A 422 -29.00 2.64 -30.56
C ARG A 422 -29.77 3.90 -30.20
N LYS A 423 -30.52 3.85 -29.10
CA LYS A 423 -31.23 5.03 -28.60
C LYS A 423 -30.27 6.17 -28.24
N VAL A 424 -29.13 5.84 -27.65
CA VAL A 424 -28.17 6.90 -27.34
C VAL A 424 -27.61 7.56 -28.61
N LEU A 425 -27.16 6.72 -29.57
CA LEU A 425 -26.54 7.19 -30.81
C LEU A 425 -27.50 8.10 -31.51
N GLN A 426 -28.77 7.74 -31.42
CA GLN A 426 -29.84 8.47 -32.05
C GLN A 426 -30.00 9.83 -31.40
N THR A 427 -29.95 9.86 -30.07
CA THR A 427 -30.02 11.12 -29.34
C THR A 427 -28.79 11.97 -29.62
N LEU A 428 -27.66 11.30 -29.73
CA LEU A 428 -26.43 11.95 -30.06
C LEU A 428 -26.56 12.76 -31.36
N GLU A 429 -27.39 12.27 -32.28
CA GLU A 429 -27.41 12.81 -33.65
C GLU A 429 -28.48 13.85 -33.91
N SER A 430 -29.52 13.85 -33.12
CA SER A 430 -30.66 14.68 -33.40
C SER A 430 -30.93 15.74 -32.33
N ARG A 431 -30.21 15.60 -31.20
CA ARG A 431 -30.53 16.31 -29.97
C ARG A 431 -29.26 16.71 -29.27
N PRO A 432 -28.39 17.51 -29.95
CA PRO A 432 -27.12 17.92 -29.29
C PRO A 432 -27.37 18.67 -27.99
N SER A 433 -26.51 18.41 -27.01
CA SER A 433 -26.60 19.10 -25.75
C SER A 433 -26.26 20.61 -25.81
N ASN A 434 -26.80 21.30 -24.82
CA ASN A 434 -26.54 22.69 -24.49
C ASN A 434 -26.09 22.73 -23.01
N PHE A 435 -24.93 22.13 -22.72
CA PHE A 435 -24.49 21.96 -21.32
C PHE A 435 -24.18 23.26 -20.62
N HIS A 436 -24.58 23.35 -19.36
CA HIS A 436 -24.13 24.42 -18.43
C HIS A 436 -24.31 23.98 -17.00
N VAL A 437 -23.39 24.37 -16.16
CA VAL A 437 -23.46 23.99 -14.77
C VAL A 437 -24.70 24.62 -14.15
N LEU A 438 -25.15 24.10 -13.02
CA LEU A 438 -26.35 24.62 -12.37
C LEU A 438 -26.11 26.01 -11.74
N TYR A 439 -24.87 26.33 -11.37
CA TYR A 439 -24.67 27.53 -10.58
C TYR A 439 -23.32 28.23 -10.86
N ASN A 440 -23.32 29.56 -10.76
CA ASN A 440 -22.14 30.37 -10.86
C ASN A 440 -21.40 30.33 -9.53
N LEU A 441 -20.06 30.22 -9.60
CA LEU A 441 -19.17 30.23 -8.40
C LEU A 441 -19.28 31.46 -7.48
N ASP A 442 -19.69 32.58 -8.06
CA ASP A 442 -19.68 33.82 -7.35
C ASP A 442 -20.93 34.09 -6.52
N LEU A 443 -21.89 33.15 -6.51
CA LEU A 443 -22.91 33.19 -5.49
C LEU A 443 -22.21 32.89 -4.14
N SER A 444 -22.93 33.10 -3.05
CA SER A 444 -22.49 32.69 -1.71
C SER A 444 -22.80 31.22 -1.42
N ILE A 445 -22.12 30.69 -0.39
CA ILE A 445 -22.24 29.30 -0.03
C ILE A 445 -23.71 28.98 0.16
N LYS A 446 -24.39 29.79 0.94
CA LYS A 446 -25.80 29.59 1.23
C LYS A 446 -26.69 29.73 0.02
N ASP A 447 -26.43 30.74 -0.81
CA ASP A 447 -27.11 30.78 -2.11
C ASP A 447 -26.86 29.55 -3.03
N LYS A 448 -25.63 29.02 -3.06
CA LYS A 448 -25.31 27.93 -3.97
C LYS A 448 -26.09 26.68 -3.56
N ILE A 449 -26.02 26.41 -2.25
CA ILE A 449 -26.70 25.31 -1.59
C ILE A 449 -28.18 25.35 -1.90
N ALA A 450 -28.83 26.49 -1.72
CA ALA A 450 -30.23 26.56 -2.02
C ALA A 450 -30.52 26.24 -3.48
N LYS A 451 -29.67 26.70 -4.42
CA LYS A 451 -29.84 26.35 -5.82
C LYS A 451 -29.98 24.84 -5.94
N ILE A 452 -29.00 24.13 -5.39
CA ILE A 452 -28.97 22.70 -5.43
C ILE A 452 -30.16 22.06 -4.68
N ALA A 453 -30.45 22.56 -3.48
CA ALA A 453 -31.43 21.88 -2.64
C ALA A 453 -32.77 22.07 -3.26
N THR A 454 -33.02 23.31 -3.67
CA THR A 454 -34.25 23.76 -4.30
C THR A 454 -34.52 23.13 -5.69
N GLU A 455 -33.59 23.34 -6.61
CA GLU A 455 -33.77 22.89 -7.98
C GLU A 455 -33.65 21.35 -8.16
N ILE A 456 -32.64 20.75 -7.53
CA ILE A 456 -32.35 19.36 -7.72
C ILE A 456 -32.97 18.47 -6.66
N TYR A 457 -32.96 18.85 -5.39
CA TYR A 457 -33.65 17.98 -4.43
C TYR A 457 -35.15 18.26 -4.35
N GLY A 458 -35.59 19.42 -4.83
CA GLY A 458 -36.99 19.82 -4.65
C GLY A 458 -37.33 20.20 -3.21
N ALA A 459 -36.30 20.43 -2.40
CA ALA A 459 -36.44 20.90 -1.05
C ALA A 459 -37.16 22.24 -1.02
N ASP A 460 -37.81 22.54 0.10
CA ASP A 460 -38.46 23.82 0.21
C ASP A 460 -37.42 24.90 0.38
N GLY A 461 -36.63 24.79 1.46
CA GLY A 461 -35.41 25.58 1.66
C GLY A 461 -34.49 24.83 2.59
N VAL A 462 -33.51 25.57 3.10
CA VAL A 462 -32.38 25.00 3.83
C VAL A 462 -32.24 25.64 5.21
N ASN A 463 -32.04 24.81 6.24
CA ASN A 463 -31.79 25.33 7.58
C ASN A 463 -30.39 24.99 7.99
N TYR A 464 -29.92 25.74 8.98
CA TYR A 464 -28.52 25.72 9.35
C TYR A 464 -28.49 25.85 10.83
N THR A 465 -27.54 25.15 11.42
CA THR A 465 -27.29 25.23 12.84
C THR A 465 -26.28 26.34 13.04
N ALA A 466 -26.15 26.78 14.30
CA ALA A 466 -25.10 27.70 14.73
C ALA A 466 -23.71 27.29 14.21
N GLU A 467 -23.36 26.01 14.32
CA GLU A 467 -22.04 25.56 13.91
C GLU A 467 -21.86 25.80 12.40
N ALA A 468 -22.91 25.48 11.64
CA ALA A 468 -22.94 25.69 10.20
C ALA A 468 -22.74 27.16 9.90
N ASP A 469 -23.45 28.03 10.61
CA ASP A 469 -23.35 29.46 10.36
C ASP A 469 -21.97 30.03 10.62
N LYS A 470 -21.35 29.61 11.71
CA LYS A 470 -20.00 30.02 12.03
C LYS A 470 -19.08 29.58 10.90
N ALA A 471 -19.19 28.30 10.52
CA ALA A 471 -18.28 27.72 9.55
C ALA A 471 -18.33 28.50 8.23
N ILE A 472 -19.55 28.72 7.74
CA ILE A 472 -19.70 29.47 6.51
C ILE A 472 -19.21 30.90 6.64
N GLN A 473 -19.41 31.53 7.80
CA GLN A 473 -18.85 32.87 7.96
C GLN A 473 -17.30 32.81 7.96
N ARG A 474 -16.75 31.79 8.62
CA ARG A 474 -15.30 31.68 8.68
C ARG A 474 -14.71 31.36 7.31
N TYR A 475 -15.30 30.41 6.61
CA TYR A 475 -14.76 30.09 5.31
C TYR A 475 -14.82 31.29 4.34
N GLU A 476 -15.94 32.00 4.36
CA GLU A 476 -16.11 33.14 3.46
C GLU A 476 -15.14 34.25 3.76
N SER A 477 -14.90 34.52 5.04
CA SER A 477 -13.90 35.57 5.35
C SER A 477 -12.45 35.10 5.14
N LEU A 478 -12.20 33.80 5.23
CA LEU A 478 -10.89 33.23 4.82
C LEU A 478 -10.75 33.13 3.29
N GLY A 479 -11.81 33.52 2.59
CA GLY A 479 -11.77 33.62 1.14
C GLY A 479 -12.14 32.39 0.35
N TYR A 480 -12.68 31.35 1.01
CA TYR A 480 -13.01 30.14 0.27
C TYR A 480 -14.45 30.11 -0.18
N GLY A 481 -15.13 31.26 -0.17
CA GLY A 481 -16.56 31.28 -0.45
C GLY A 481 -17.02 31.38 -1.89
N ASN A 482 -16.08 31.40 -2.84
CA ASN A 482 -16.44 31.35 -4.26
C ASN A 482 -16.11 29.99 -4.87
N LEU A 483 -16.27 28.92 -4.12
CA LEU A 483 -15.82 27.62 -4.59
C LEU A 483 -17.06 26.78 -4.86
N PRO A 484 -16.91 25.66 -5.56
CA PRO A 484 -18.09 24.82 -5.65
C PRO A 484 -18.50 24.23 -4.29
N VAL A 485 -19.74 23.74 -4.23
CA VAL A 485 -20.34 23.13 -3.04
C VAL A 485 -20.60 21.64 -3.27
N VAL A 486 -20.21 20.81 -2.31
CA VAL A 486 -20.32 19.37 -2.45
C VAL A 486 -21.19 18.79 -1.33
N MET A 487 -22.49 18.67 -1.58
CA MET A 487 -23.47 18.18 -0.60
C MET A 487 -23.24 16.74 -0.11
N ALA A 488 -22.96 16.57 1.17
CA ALA A 488 -22.89 15.21 1.71
C ALA A 488 -24.19 14.91 2.40
N LYS A 489 -25.10 14.25 1.70
CA LYS A 489 -26.33 13.82 2.37
C LYS A 489 -26.54 12.34 2.19
N THR A 490 -27.69 11.82 2.63
CA THR A 490 -28.08 10.44 2.34
C THR A 490 -28.34 10.32 0.84
N GLN A 491 -28.09 9.14 0.30
CA GLN A 491 -28.39 8.87 -1.09
C GLN A 491 -29.72 8.14 -1.26
N TYR A 492 -30.33 7.74 -0.15
CA TYR A 492 -31.54 6.95 -0.22
C TYR A 492 -32.79 7.80 -0.32
N SER A 493 -32.60 9.11 -0.51
CA SER A 493 -33.72 10.04 -0.52
C SER A 493 -33.34 11.33 -1.19
N PHE A 494 -34.32 12.00 -1.80
CA PHE A 494 -34.09 13.37 -2.23
C PHE A 494 -33.95 14.25 -0.96
N SER A 495 -34.73 13.96 0.09
CA SER A 495 -34.63 14.74 1.35
C SER A 495 -33.42 14.26 2.11
N ASP A 496 -33.19 14.73 3.33
CA ASP A 496 -32.12 14.12 4.15
C ASP A 496 -32.68 13.21 5.24
N ASP A 497 -33.95 12.87 5.09
CA ASP A 497 -34.54 11.80 5.83
C ASP A 497 -34.47 10.56 4.91
N MET A 498 -33.65 9.58 5.27
CA MET A 498 -33.49 8.37 4.43
C MET A 498 -34.78 7.55 4.26
N THR A 499 -35.84 7.93 4.96
CA THR A 499 -37.05 7.12 4.94
C THR A 499 -38.04 7.71 3.98
N LYS A 500 -37.78 8.91 3.52
CA LYS A 500 -38.64 9.53 2.52
C LYS A 500 -38.23 9.11 1.12
N LEU A 501 -38.76 7.97 0.69
CA LEU A 501 -38.56 7.50 -0.68
C LEU A 501 -39.51 8.25 -1.63
N GLY A 502 -39.46 7.91 -2.91
CA GLY A 502 -40.30 8.55 -3.90
C GLY A 502 -39.83 9.96 -4.23
N ARG A 503 -40.80 10.85 -4.45
CA ARG A 503 -40.52 12.25 -4.73
C ARG A 503 -41.15 13.08 -3.60
N PRO A 504 -40.44 13.17 -2.48
CA PRO A 504 -40.98 13.84 -1.31
C PRO A 504 -41.16 15.33 -1.56
N ARG A 505 -42.16 15.90 -0.89
CA ARG A 505 -42.51 17.30 -1.05
C ARG A 505 -42.59 17.89 0.34
N ASN A 506 -42.95 19.17 0.44
CA ASN A 506 -43.16 19.84 1.73
C ASN A 506 -42.12 19.46 2.76
N PHE A 507 -40.85 19.45 2.34
CA PHE A 507 -39.72 19.10 3.22
C PHE A 507 -38.61 20.14 3.19
N THR A 508 -37.67 19.99 4.13
CA THR A 508 -36.62 20.95 4.39
C THR A 508 -35.27 20.28 4.69
N ILE A 509 -34.20 20.77 4.09
CA ILE A 509 -32.84 20.26 4.32
C ILE A 509 -32.21 20.98 5.54
N THR A 510 -31.40 20.26 6.31
CA THR A 510 -30.74 20.88 7.48
C THR A 510 -29.24 20.71 7.42
N VAL A 511 -28.46 21.76 7.21
CA VAL A 511 -27.03 21.52 7.26
C VAL A 511 -26.52 21.74 8.66
N ARG A 512 -25.85 20.71 9.18
CA ARG A 512 -25.47 20.63 10.60
C ARG A 512 -24.06 21.10 10.85
N GLU A 513 -23.21 20.92 9.85
CA GLU A 513 -21.77 21.06 9.96
C GLU A 513 -21.27 21.29 8.53
N VAL A 514 -20.27 22.16 8.36
CA VAL A 514 -19.68 22.46 7.06
C VAL A 514 -18.17 22.34 7.08
N ARG A 515 -17.59 21.52 6.22
CA ARG A 515 -16.15 21.34 6.20
C ARG A 515 -15.58 21.85 4.87
N LEU A 516 -14.26 22.08 4.82
CA LEU A 516 -13.57 22.63 3.64
C LEU A 516 -12.53 21.68 3.08
N SER A 517 -12.62 21.36 1.80
CA SER A 517 -11.52 20.70 1.08
C SER A 517 -10.84 21.67 0.15
N ALA A 518 -9.75 22.28 0.62
CA ALA A 518 -8.95 23.26 -0.13
C ALA A 518 -8.15 22.75 -1.31
N GLY A 519 -8.09 21.41 -1.54
CA GLY A 519 -7.82 20.83 -2.89
C GLY A 519 -9.18 20.70 -3.62
N GLY A 520 -9.94 21.82 -3.66
CA GLY A 520 -11.15 21.92 -4.47
C GLY A 520 -12.23 22.87 -3.93
N ARG A 521 -12.86 22.50 -2.80
CA ARG A 521 -14.15 23.09 -2.47
C ARG A 521 -14.81 22.76 -1.12
N LEU A 522 -16.10 23.08 -1.00
CA LEU A 522 -16.80 23.06 0.27
C LEU A 522 -17.75 21.91 0.50
N ILE A 523 -17.54 21.24 1.63
CA ILE A 523 -18.38 20.13 1.97
C ILE A 523 -19.31 20.48 3.11
N VAL A 524 -20.58 20.34 2.84
CA VAL A 524 -21.58 20.73 3.76
C VAL A 524 -22.49 19.47 4.07
N PRO A 525 -22.27 18.78 5.23
CA PRO A 525 -23.04 17.60 5.70
C PRO A 525 -24.43 17.82 6.27
N ILE A 526 -25.30 16.84 6.05
CA ILE A 526 -26.66 16.86 6.63
C ILE A 526 -26.83 15.95 7.84
N THR A 527 -27.08 14.67 7.60
CA THR A 527 -27.20 13.73 8.73
C THR A 527 -25.83 13.29 9.15
N GLY A 528 -25.72 12.03 9.57
CA GLY A 528 -24.42 11.39 9.77
C GLY A 528 -23.86 10.83 8.46
N ALA A 529 -23.85 11.63 7.38
CA ALA A 529 -23.03 11.30 6.18
C ALA A 529 -21.58 11.46 6.65
N ILE A 530 -21.51 11.62 7.98
CA ILE A 530 -20.31 11.65 8.77
C ILE A 530 -19.63 10.29 8.66
N MET A 531 -20.34 9.27 8.16
CA MET A 531 -19.76 7.92 8.06
C MET A 531 -18.62 7.79 7.03
N THR A 532 -17.44 8.28 7.42
CA THR A 532 -16.28 8.29 6.55
C THR A 532 -15.30 7.12 6.87
N MET A 533 -15.76 6.19 7.71
CA MET A 533 -15.00 5.01 8.06
C MET A 533 -15.96 3.90 8.49
N PRO A 534 -16.52 3.15 7.51
CA PRO A 534 -17.49 2.08 7.80
C PRO A 534 -16.88 0.95 8.61
N GLY A 535 -17.76 0.09 9.15
CA GLY A 535 -17.32 -0.98 10.03
C GLY A 535 -17.54 -2.35 9.45
N LEU A 536 -17.00 -3.36 10.10
CA LEU A 536 -17.26 -4.75 9.74
C LEU A 536 -18.55 -5.26 10.40
N PRO A 537 -19.28 -6.15 9.70
CA PRO A 537 -20.51 -6.77 10.22
C PRO A 537 -20.23 -7.89 11.22
N LYS A 538 -21.27 -8.45 11.85
CA LYS A 538 -21.08 -9.61 12.75
C LYS A 538 -20.29 -10.77 12.10
N ARG A 539 -20.74 -11.19 10.91
CA ARG A 539 -20.06 -12.25 10.16
C ARG A 539 -19.42 -11.59 8.93
N PRO A 540 -18.11 -11.26 9.03
CA PRO A 540 -17.40 -10.61 7.93
C PRO A 540 -16.83 -11.60 6.92
N ALA A 541 -16.88 -11.21 5.64
CA ALA A 541 -16.42 -12.05 4.54
C ALA A 541 -14.98 -12.51 4.75
N ALA A 542 -14.22 -11.76 5.54
CA ALA A 542 -12.83 -12.12 5.82
C ALA A 542 -12.73 -13.54 6.38
N CYS A 543 -13.68 -13.89 7.26
CA CYS A 543 -13.67 -15.20 7.95
C CYS A 543 -13.83 -16.40 6.98
N ASN A 544 -14.62 -16.23 5.92
CA ASN A 544 -14.89 -17.30 4.97
C ASN A 544 -14.12 -17.15 3.64
N ILE A 545 -12.94 -16.53 3.69
CA ILE A 545 -12.05 -16.42 2.51
C ILE A 545 -10.85 -17.35 2.65
N ASP A 546 -10.48 -18.06 1.58
CA ASP A 546 -9.27 -18.89 1.59
C ASP A 546 -8.51 -18.87 0.23
N ILE A 547 -7.27 -19.37 0.18
CA ILE A 547 -6.60 -19.72 -1.09
C ILE A 547 -5.87 -21.03 -0.87
N ASP A 548 -5.90 -21.92 -1.87
CA ASP A 548 -5.35 -23.32 -1.77
C ASP A 548 -4.21 -23.66 -2.78
N ALA A 549 -4.54 -24.40 -3.86
CA ALA A 549 -3.66 -24.48 -5.05
C ALA A 549 -3.42 -23.05 -5.52
N ASP A 550 -4.52 -22.38 -5.89
CA ASP A 550 -4.62 -20.91 -5.93
C ASP A 550 -6.09 -20.51 -6.03
N GLY A 551 -6.96 -21.47 -5.70
CA GLY A 551 -8.41 -21.34 -5.82
C GLY A 551 -8.93 -20.43 -4.74
N VAL A 552 -9.12 -19.18 -5.11
CA VAL A 552 -9.62 -18.16 -4.20
C VAL A 552 -11.12 -18.38 -4.00
N ILE A 553 -11.48 -18.99 -2.86
CA ILE A 553 -12.88 -19.24 -2.49
C ILE A 553 -13.59 -18.03 -1.83
N THR A 554 -14.62 -17.53 -2.53
CA THR A 554 -15.67 -16.59 -2.00
C THR A 554 -15.26 -15.18 -1.51
N GLY A 555 -15.49 -14.17 -2.35
CA GLY A 555 -15.07 -12.80 -2.06
C GLY A 555 -14.48 -12.13 -3.28
N ASP B 7 26.64 13.58 -8.66
CA ASP B 7 27.86 12.69 -8.65
C ASP B 7 27.72 11.45 -7.74
N ILE B 8 26.91 11.55 -6.69
CA ILE B 8 26.77 10.44 -5.72
C ILE B 8 26.13 9.22 -6.40
N GLU B 9 25.86 8.18 -5.63
CA GLU B 9 25.38 6.92 -6.17
C GLU B 9 24.07 7.03 -7.00
N ILE B 10 23.22 7.99 -6.65
CA ILE B 10 22.07 8.44 -7.48
C ILE B 10 22.46 8.79 -8.93
N ALA B 11 23.44 9.69 -9.08
CA ALA B 11 23.88 10.17 -10.40
C ALA B 11 24.31 9.03 -11.33
N GLN B 12 24.58 7.85 -10.75
CA GLN B 12 24.66 6.63 -11.54
C GLN B 12 23.28 5.99 -11.71
N ALA B 13 22.37 6.75 -12.32
CA ALA B 13 21.18 6.19 -12.91
C ALA B 13 21.51 6.15 -14.41
N ALA B 14 21.94 4.95 -14.86
CA ALA B 14 22.34 4.72 -16.24
C ALA B 14 22.50 3.23 -16.58
N LYS B 15 21.96 2.76 -17.85
CA LYS B 15 22.14 1.47 -18.61
C LYS B 15 21.54 0.12 -18.13
N MET B 16 20.19 0.17 -17.95
CA MET B 16 19.50 -1.06 -17.56
C MET B 16 18.99 -1.95 -18.71
N LYS B 17 19.22 -3.25 -18.58
CA LYS B 17 18.68 -4.21 -19.53
C LYS B 17 17.34 -4.72 -19.02
N PRO B 18 16.35 -4.83 -19.95
CA PRO B 18 14.99 -5.34 -19.65
C PRO B 18 15.08 -6.61 -18.82
N VAL B 19 14.38 -6.67 -17.70
CA VAL B 19 14.51 -7.82 -16.83
C VAL B 19 14.06 -9.10 -17.50
N MET B 20 13.15 -8.94 -18.46
CA MET B 20 12.58 -10.08 -19.13
C MET B 20 13.67 -10.97 -19.74
N GLU B 21 14.65 -10.35 -20.39
CA GLU B 21 15.67 -11.15 -21.06
C GLU B 21 16.58 -11.83 -20.03
N LEU B 22 16.94 -11.10 -18.99
CA LEU B 22 17.65 -11.68 -17.84
C LEU B 22 16.89 -12.93 -17.40
N ALA B 23 15.57 -12.84 -17.34
CA ALA B 23 14.76 -13.97 -16.93
C ALA B 23 14.97 -15.16 -17.85
N ARG B 24 15.21 -14.87 -19.12
CA ARG B 24 15.55 -15.92 -20.09
C ARG B 24 16.98 -16.42 -19.88
N GLY B 25 17.92 -15.49 -19.68
CA GLY B 25 19.30 -15.81 -19.35
C GLY B 25 19.43 -16.65 -18.08
N LEU B 26 18.30 -17.06 -17.51
CA LEU B 26 18.28 -17.92 -16.34
C LEU B 26 17.39 -19.12 -16.56
N GLY B 27 16.69 -19.15 -17.69
CA GLY B 27 15.85 -20.28 -18.02
C GLY B 27 14.51 -20.17 -17.30
N ILE B 28 14.22 -18.96 -16.84
CA ILE B 28 12.88 -18.65 -16.41
C ILE B 28 12.10 -18.42 -17.68
N GLN B 29 10.99 -19.12 -17.80
CA GLN B 29 10.10 -18.97 -18.94
C GLN B 29 9.34 -17.65 -18.90
N GLU B 30 8.94 -17.15 -20.08
CA GLU B 30 8.16 -15.91 -20.16
C GLU B 30 6.94 -15.93 -19.20
N ASP B 31 6.28 -17.08 -19.14
CA ASP B 31 4.99 -17.19 -18.43
C ASP B 31 5.12 -17.16 -16.92
N GLU B 32 6.35 -17.07 -16.43
CA GLU B 32 6.63 -17.13 -15.00
C GLU B 32 7.10 -15.74 -14.55
N VAL B 33 6.77 -14.73 -15.35
CA VAL B 33 7.26 -13.36 -15.18
C VAL B 33 6.09 -12.42 -15.27
N GLU B 34 5.84 -11.70 -14.18
CA GLU B 34 4.82 -10.70 -14.16
C GLU B 34 5.65 -9.42 -14.11
N LEU B 35 5.63 -8.62 -15.18
CA LEU B 35 6.50 -7.44 -15.26
C LEU B 35 5.94 -6.30 -14.45
N TYR B 36 6.79 -5.31 -14.14
CA TYR B 36 6.36 -4.00 -13.63
C TYR B 36 7.10 -2.95 -14.45
N GLY B 37 6.62 -2.73 -15.66
CA GLY B 37 7.43 -2.03 -16.63
C GLY B 37 8.56 -2.95 -17.04
N LYS B 38 9.52 -2.39 -17.77
CA LYS B 38 10.60 -3.19 -18.36
C LYS B 38 11.65 -3.72 -17.35
N TYR B 39 11.87 -3.01 -16.24
CA TYR B 39 13.04 -3.24 -15.35
C TYR B 39 12.79 -3.83 -13.96
N LYS B 40 11.53 -4.03 -13.60
CA LYS B 40 11.15 -4.78 -12.40
C LYS B 40 10.28 -5.93 -12.85
N ALA B 41 10.41 -7.10 -12.23
CA ALA B 41 9.42 -8.13 -12.47
C ALA B 41 9.30 -9.07 -11.29
N LYS B 42 8.18 -9.78 -11.23
CA LYS B 42 7.98 -10.78 -10.21
C LYS B 42 8.11 -12.17 -10.80
N ILE B 43 8.93 -13.02 -10.18
CA ILE B 43 9.17 -14.36 -10.67
C ILE B 43 8.29 -15.35 -9.92
N SER B 44 7.62 -16.26 -10.65
CA SER B 44 6.70 -17.24 -10.03
C SER B 44 7.42 -18.22 -9.13
N LEU B 45 6.68 -18.83 -8.20
CA LEU B 45 7.25 -19.79 -7.25
C LEU B 45 7.29 -21.14 -7.95
N ASP B 46 6.92 -21.11 -9.24
CA ASP B 46 6.94 -22.30 -10.06
C ASP B 46 8.36 -22.62 -10.49
N VAL B 47 9.21 -21.60 -10.53
CA VAL B 47 10.58 -21.82 -10.91
C VAL B 47 11.20 -22.82 -9.96
N TYR B 48 10.94 -22.64 -8.66
CA TYR B 48 11.42 -23.60 -7.66
C TYR B 48 10.70 -24.92 -7.85
N ARG B 49 9.38 -24.92 -7.95
CA ARG B 49 8.62 -26.18 -8.00
C ARG B 49 8.93 -27.09 -9.24
N ARG B 50 9.33 -26.49 -10.38
CA ARG B 50 9.78 -27.29 -11.54
C ARG B 50 11.27 -27.67 -11.48
N LEU B 51 12.06 -26.83 -10.82
CA LEU B 51 13.45 -27.15 -10.58
C LEU B 51 13.62 -27.75 -9.17
N LYS B 52 12.48 -28.17 -8.61
CA LYS B 52 12.41 -28.80 -7.28
C LYS B 52 13.68 -29.60 -6.93
N ASP B 53 14.06 -30.53 -7.82
CA ASP B 53 15.10 -31.53 -7.53
C ASP B 53 16.43 -31.32 -8.26
N LYS B 54 16.53 -30.27 -9.07
CA LYS B 54 17.82 -29.87 -9.64
C LYS B 54 18.87 -29.61 -8.53
N PRO B 55 20.17 -29.62 -8.90
CA PRO B 55 21.19 -29.23 -7.92
C PRO B 55 21.13 -27.76 -7.52
N ASP B 56 21.51 -27.46 -6.29
CA ASP B 56 21.67 -26.09 -5.82
C ASP B 56 23.06 -25.60 -6.15
N GLY B 57 23.17 -24.35 -6.63
CA GLY B 57 24.47 -23.67 -6.75
C GLY B 57 25.03 -23.44 -5.36
N LYS B 58 26.19 -22.82 -5.27
CA LYS B 58 26.81 -22.58 -3.96
C LYS B 58 26.24 -21.34 -3.28
N LEU B 59 26.10 -21.39 -1.96
CA LEU B 59 25.53 -20.28 -1.15
C LEU B 59 26.59 -19.43 -0.43
N ILE B 60 26.58 -18.13 -0.69
CA ILE B 60 27.66 -17.26 -0.19
C ILE B 60 27.23 -16.08 0.72
N LEU B 61 26.87 -16.37 1.97
CA LEU B 61 26.50 -15.29 2.91
C LEU B 61 27.60 -14.28 3.18
N VAL B 62 27.37 -13.04 2.75
CA VAL B 62 28.17 -11.89 3.18
C VAL B 62 27.58 -11.31 4.48
N THR B 63 28.45 -11.01 5.45
CA THR B 63 28.08 -10.41 6.74
C THR B 63 29.05 -9.26 7.01
N ALA B 64 29.02 -8.69 8.22
CA ALA B 64 29.93 -7.61 8.58
C ALA B 64 30.41 -7.65 10.05
N ILE B 65 31.48 -6.90 10.33
CA ILE B 65 31.98 -6.69 11.68
C ILE B 65 31.01 -5.76 12.37
N THR B 66 31.11 -5.70 13.70
CA THR B 66 30.26 -4.85 14.54
C THR B 66 30.06 -3.44 13.97
N PRO B 67 28.79 -3.08 13.66
CA PRO B 67 28.53 -1.77 13.05
C PRO B 67 29.01 -0.59 13.89
N THR B 68 29.36 0.48 13.19
CA THR B 68 29.88 1.70 13.79
C THR B 68 29.40 2.89 12.95
N PRO B 69 29.32 4.07 13.57
CA PRO B 69 29.19 5.37 12.91
C PRO B 69 30.14 5.61 11.72
N ALA B 70 31.12 4.73 11.55
CA ALA B 70 32.12 4.91 10.50
C ALA B 70 31.63 4.41 9.16
N GLY B 71 30.56 3.62 9.20
CA GLY B 71 30.06 2.90 8.03
C GLY B 71 31.03 1.77 7.70
N GLU B 72 30.52 0.68 7.18
CA GLU B 72 31.38 -0.42 6.74
C GLU B 72 31.09 -0.70 5.26
N GLY B 73 30.13 -1.57 4.99
CA GLY B 73 29.60 -1.73 3.65
C GLY B 73 29.28 -3.17 3.27
N LYS B 74 28.39 -3.82 4.02
CA LYS B 74 27.83 -5.11 3.61
C LYS B 74 27.35 -5.06 2.16
N THR B 75 26.18 -4.47 1.96
CA THR B 75 25.50 -4.45 0.67
C THR B 75 26.43 -4.06 -0.49
N THR B 76 27.12 -2.94 -0.34
CA THR B 76 28.01 -2.46 -1.36
C THR B 76 29.01 -3.54 -1.72
N THR B 77 29.69 -4.08 -0.72
CA THR B 77 30.61 -5.16 -0.99
C THR B 77 29.88 -6.37 -1.58
N SER B 78 28.63 -6.59 -1.18
CA SER B 78 27.88 -7.79 -1.64
C SER B 78 27.54 -7.74 -3.13
N VAL B 79 27.14 -6.57 -3.63
CA VAL B 79 26.88 -6.39 -5.05
C VAL B 79 28.17 -6.51 -5.83
N GLY B 80 29.23 -5.92 -5.28
CA GLY B 80 30.58 -5.98 -5.85
C GLY B 80 31.14 -7.39 -5.88
N LEU B 81 30.92 -8.16 -4.83
CA LEU B 81 31.25 -9.57 -4.85
C LEU B 81 30.59 -10.17 -6.08
N THR B 82 29.34 -9.76 -6.32
CA THR B 82 28.46 -10.33 -7.38
C THR B 82 28.90 -9.98 -8.81
N ASP B 83 29.09 -8.69 -9.08
CA ASP B 83 29.65 -8.24 -10.37
C ASP B 83 30.92 -8.99 -10.76
N ALA B 84 31.83 -9.14 -9.79
CA ALA B 84 33.10 -9.78 -9.99
C ALA B 84 32.92 -11.23 -10.44
N LEU B 85 32.10 -11.99 -9.73
CA LEU B 85 31.79 -13.37 -10.15
C LEU B 85 31.18 -13.42 -11.57
N ALA B 86 30.28 -12.48 -11.86
CA ALA B 86 29.79 -12.27 -13.22
C ALA B 86 30.97 -12.25 -14.19
N ARG B 87 31.92 -11.35 -13.96
CA ARG B 87 33.07 -11.18 -14.87
C ARG B 87 33.78 -12.50 -15.12
N LEU B 88 33.75 -13.37 -14.13
CA LEU B 88 34.45 -14.65 -14.27
C LEU B 88 33.57 -15.75 -14.89
N GLY B 89 32.56 -15.32 -15.66
CA GLY B 89 31.74 -16.23 -16.48
C GLY B 89 30.95 -17.25 -15.67
N LYS B 90 30.83 -17.02 -14.36
CA LYS B 90 30.01 -17.85 -13.46
C LYS B 90 28.55 -17.37 -13.46
N ARG B 91 27.62 -18.33 -13.32
CA ARG B 91 26.19 -18.03 -13.14
C ARG B 91 25.96 -17.60 -11.70
N VAL B 92 25.78 -16.28 -11.52
CA VAL B 92 25.78 -15.64 -10.19
C VAL B 92 24.64 -14.64 -9.95
N MET B 93 23.82 -14.90 -8.93
CA MET B 93 22.77 -13.96 -8.46
C MET B 93 23.01 -13.37 -7.06
N VAL B 94 22.45 -12.17 -6.82
CA VAL B 94 22.32 -11.61 -5.49
C VAL B 94 20.90 -11.54 -5.00
N CYS B 95 20.74 -11.68 -3.68
CA CYS B 95 19.48 -11.43 -2.99
C CYS B 95 19.69 -10.37 -1.92
N LEU B 96 18.86 -9.31 -1.94
CA LEU B 96 18.90 -8.22 -0.93
C LEU B 96 17.57 -7.96 -0.29
N ARG B 97 17.54 -7.18 0.77
CA ARG B 97 16.30 -6.86 1.47
C ARG B 97 15.67 -5.60 0.89
N GLU B 98 14.34 -5.52 0.83
CA GLU B 98 13.65 -4.28 0.38
C GLU B 98 13.64 -3.21 1.47
N PRO B 99 14.10 -2.00 1.12
CA PRO B 99 14.15 -0.91 2.13
C PRO B 99 12.77 -0.35 2.49
N SER B 100 12.53 -0.13 3.79
CA SER B 100 11.34 0.58 4.25
C SER B 100 11.18 1.89 3.48
N LEU B 101 9.95 2.29 3.18
CA LEU B 101 9.71 3.58 2.54
C LEU B 101 10.02 4.69 3.52
N GLY B 102 9.55 4.54 4.76
CA GLY B 102 9.72 5.55 5.80
C GLY B 102 10.95 6.44 5.74
N PRO B 103 12.13 5.86 5.87
CA PRO B 103 13.38 6.59 5.90
C PRO B 103 13.69 7.50 4.73
N SER B 104 13.06 7.28 3.56
CA SER B 104 13.36 8.11 2.38
C SER B 104 13.05 9.57 2.65
N PHE B 105 12.10 9.77 3.56
CA PHE B 105 11.55 11.07 3.87
C PHE B 105 12.14 11.62 5.17
N GLY B 106 12.71 10.73 5.96
CA GLY B 106 13.32 11.09 7.22
C GLY B 106 14.76 11.52 7.08
N ILE B 107 15.67 10.65 7.53
CA ILE B 107 17.09 10.89 7.38
C ILE B 107 17.53 10.33 6.05
N LYS B 108 17.35 9.02 5.88
CA LYS B 108 17.96 8.25 4.76
C LYS B 108 17.47 8.68 3.37
N GLY B 109 17.48 7.72 2.44
CA GLY B 109 17.19 7.96 1.01
C GLY B 109 18.39 7.52 0.21
N GLY B 110 18.73 6.24 0.34
CA GLY B 110 19.99 5.69 -0.19
C GLY B 110 19.89 4.58 -1.22
N ALA B 111 21.05 4.22 -1.78
CA ALA B 111 21.15 3.22 -2.86
C ALA B 111 21.36 1.80 -2.33
N ALA B 112 20.89 0.81 -3.09
CA ALA B 112 21.05 -0.60 -2.73
C ALA B 112 22.49 -1.06 -3.04
N GLY B 113 23.37 -0.93 -2.05
CA GLY B 113 24.81 -1.07 -2.28
C GLY B 113 25.37 0.33 -2.39
N GLY B 114 26.26 0.55 -3.34
CA GLY B 114 26.73 1.91 -3.60
C GLY B 114 27.88 2.11 -4.56
N GLY B 115 28.06 3.36 -4.98
CA GLY B 115 29.12 3.75 -5.91
C GLY B 115 28.90 2.95 -7.17
N TYR B 116 29.82 2.05 -7.50
CA TYR B 116 29.69 1.26 -8.73
C TYR B 116 29.20 -0.18 -8.56
N ALA B 117 28.65 -0.47 -7.39
CA ALA B 117 28.06 -1.77 -7.10
C ALA B 117 26.66 -1.61 -6.51
N GLN B 118 25.73 -1.10 -7.33
CA GLN B 118 24.39 -0.79 -6.87
C GLN B 118 23.39 -1.74 -7.49
N VAL B 119 22.20 -1.82 -6.86
CA VAL B 119 21.01 -2.45 -7.47
C VAL B 119 19.97 -1.39 -7.91
N VAL B 120 19.56 -1.49 -9.18
CA VAL B 120 18.71 -0.51 -9.85
C VAL B 120 17.42 -1.15 -10.32
N PRO B 121 16.36 -0.33 -10.54
CA PRO B 121 16.31 1.13 -10.47
C PRO B 121 16.20 1.62 -9.04
N MET B 122 17.13 2.48 -8.64
CA MET B 122 17.28 2.92 -7.25
C MET B 122 16.01 3.50 -6.64
N GLU B 123 15.39 4.45 -7.34
CA GLU B 123 14.18 5.15 -6.84
C GLU B 123 12.92 4.27 -6.61
N ASP B 124 12.68 3.28 -7.43
CA ASP B 124 11.51 2.44 -7.18
C ASP B 124 11.72 1.55 -5.97
N ILE B 125 12.98 1.19 -5.74
CA ILE B 125 13.33 0.22 -4.72
C ILE B 125 13.07 0.85 -3.37
N ASN B 126 13.48 2.10 -3.27
CA ASN B 126 13.24 2.86 -2.06
C ASN B 126 11.77 3.19 -1.79
N LEU B 127 10.92 3.19 -2.82
CA LEU B 127 9.55 3.69 -2.63
C LEU B 127 8.45 2.65 -2.56
N HIS B 128 7.41 2.77 -3.39
CA HIS B 128 6.48 1.68 -3.63
C HIS B 128 7.33 0.92 -4.58
N PHE B 129 7.58 -0.36 -4.31
CA PHE B 129 8.49 -1.11 -5.16
C PHE B 129 7.53 -1.86 -6.03
N THR B 130 7.32 -3.13 -5.73
CA THR B 130 6.28 -3.89 -6.37
C THR B 130 5.16 -4.04 -5.34
N GLY B 131 5.14 -3.13 -4.36
CA GLY B 131 4.10 -3.17 -3.31
C GLY B 131 4.16 -4.33 -2.31
N ASP B 132 5.35 -4.89 -2.09
CA ASP B 132 5.48 -5.97 -1.13
C ASP B 132 5.14 -5.43 0.29
N ILE B 133 5.61 -4.22 0.59
CA ILE B 133 5.34 -3.69 1.95
C ILE B 133 3.89 -3.26 2.16
N HIS B 134 3.23 -2.73 1.13
CA HIS B 134 1.82 -2.40 1.32
C HIS B 134 1.10 -3.71 1.59
N ALA B 135 1.57 -4.79 1.00
CA ALA B 135 0.87 -6.04 1.18
C ALA B 135 1.07 -6.55 2.60
N VAL B 136 2.27 -6.38 3.16
CA VAL B 136 2.52 -6.70 4.57
C VAL B 136 1.60 -5.86 5.40
N THR B 137 1.57 -4.57 5.08
CA THR B 137 0.85 -3.59 5.88
C THR B 137 -0.61 -3.95 6.03
N TYR B 138 -1.23 -4.32 4.92
CA TYR B 138 -2.65 -4.66 4.96
C TYR B 138 -2.95 -5.99 5.63
N ALA B 139 -2.07 -6.96 5.45
CA ALA B 139 -2.16 -8.19 6.20
C ALA B 139 -2.11 -7.93 7.72
N HIS B 140 -1.22 -7.08 8.16
CA HIS B 140 -1.15 -6.71 9.58
C HIS B 140 -2.43 -6.04 10.08
N ASN B 141 -2.76 -4.90 9.45
CA ASN B 141 -3.83 -4.04 9.91
C ASN B 141 -5.21 -4.72 9.81
N LEU B 142 -5.42 -5.51 8.72
CA LEU B 142 -6.63 -6.36 8.61
C LEU B 142 -6.82 -7.22 9.85
N LEU B 143 -5.72 -7.83 10.31
CA LEU B 143 -5.80 -8.73 11.46
C LEU B 143 -6.20 -7.90 12.65
N ALA B 144 -5.44 -6.81 12.86
CA ALA B 144 -5.74 -5.85 13.92
C ALA B 144 -7.22 -5.54 13.92
N ALA B 145 -7.75 -5.22 12.74
CA ALA B 145 -9.17 -4.87 12.53
C ALA B 145 -10.08 -5.98 12.97
N MET B 146 -9.69 -7.21 12.63
CA MET B 146 -10.54 -8.32 12.95
C MET B 146 -10.57 -8.52 14.43
N VAL B 147 -9.41 -8.37 15.06
CA VAL B 147 -9.35 -8.45 16.50
C VAL B 147 -10.41 -7.49 17.14
N ASP B 148 -10.36 -6.22 16.74
CA ASP B 148 -11.22 -5.20 17.30
C ASP B 148 -12.66 -5.40 16.96
N ASN B 149 -12.93 -5.76 15.70
CA ASN B 149 -14.32 -6.04 15.30
C ASN B 149 -14.94 -7.16 16.15
N HIS B 150 -14.20 -8.25 16.30
CA HIS B 150 -14.61 -9.32 17.20
C HIS B 150 -15.05 -8.75 18.54
N LEU B 151 -14.21 -7.91 19.19
CA LEU B 151 -14.57 -7.32 20.47
C LEU B 151 -15.90 -6.59 20.34
N GLN B 152 -16.01 -5.73 19.33
CA GLN B 152 -17.26 -5.02 19.03
C GLN B 152 -18.42 -6.00 18.94
N GLN B 153 -18.13 -7.16 18.35
CA GLN B 153 -19.17 -8.13 18.03
C GLN B 153 -19.63 -9.00 19.19
N GLY B 154 -19.33 -8.61 20.43
CA GLY B 154 -19.72 -9.42 21.59
C GLY B 154 -18.61 -10.19 22.28
N ASN B 155 -17.44 -10.30 21.66
CA ASN B 155 -16.29 -10.91 22.31
C ASN B 155 -16.49 -12.39 22.65
N VAL B 156 -17.08 -13.12 21.68
CA VAL B 156 -17.20 -14.60 21.73
C VAL B 156 -15.98 -15.31 22.30
N LEU B 157 -14.78 -14.92 21.87
CA LEU B 157 -13.57 -15.61 22.34
C LEU B 157 -13.20 -15.23 23.77
N ASN B 158 -13.84 -14.17 24.26
CA ASN B 158 -13.64 -13.72 25.61
C ASN B 158 -12.18 -13.26 25.84
N ILE B 159 -11.67 -12.48 24.88
CA ILE B 159 -10.34 -11.86 24.89
C ILE B 159 -10.28 -10.75 25.95
N ASP B 160 -9.11 -10.54 26.54
CA ASP B 160 -8.93 -9.36 27.38
C ASP B 160 -8.33 -8.25 26.53
N PRO B 161 -9.13 -7.21 26.21
CA PRO B 161 -8.63 -6.12 25.37
C PRO B 161 -7.32 -5.61 25.91
N ARG B 162 -7.16 -5.71 27.23
CA ARG B 162 -5.99 -5.17 27.93
C ARG B 162 -4.68 -5.93 27.71
N THR B 163 -4.77 -7.08 27.04
CA THR B 163 -3.60 -7.91 26.79
C THR B 163 -3.36 -8.17 25.30
N ILE B 164 -4.02 -7.42 24.40
CA ILE B 164 -3.78 -7.58 22.97
C ILE B 164 -2.32 -7.23 22.76
N THR B 165 -1.58 -8.12 22.16
CA THR B 165 -0.19 -7.80 21.84
C THR B 165 -0.02 -7.49 20.35
N TRP B 166 -1.09 -7.65 19.56
CA TRP B 166 -1.13 -7.30 18.14
C TRP B 166 -1.38 -5.82 17.95
N ARG B 167 -0.33 -5.09 17.58
CA ARG B 167 -0.42 -3.65 17.35
C ARG B 167 -0.69 -3.48 15.88
N ARG B 168 -0.71 -2.24 15.40
CA ARG B 168 -0.99 -1.99 14.01
C ARG B 168 0.30 -1.58 13.32
N VAL B 169 0.22 -1.33 12.01
CA VAL B 169 1.48 -1.10 11.29
C VAL B 169 1.36 0.01 10.25
N ILE B 170 2.46 0.70 9.97
CA ILE B 170 2.52 1.70 8.89
C ILE B 170 3.97 1.95 8.55
N ASP B 171 4.26 2.31 7.30
CA ASP B 171 5.67 2.31 6.85
C ASP B 171 6.26 3.70 6.78
N LEU B 172 5.96 4.49 7.80
CA LEU B 172 6.43 5.85 7.91
C LEU B 172 7.06 6.03 9.27
N ASN B 173 8.09 6.88 9.37
CA ASN B 173 8.63 7.25 10.69
C ASN B 173 7.62 8.15 11.40
N ASP B 174 6.70 7.56 12.15
CA ASP B 174 5.69 8.36 12.84
C ASP B 174 5.57 8.13 14.34
N ARG B 175 6.39 8.87 15.06
CA ARG B 175 6.50 8.87 16.51
C ARG B 175 5.16 8.94 17.21
N ALA B 176 4.29 9.82 16.72
CA ALA B 176 3.05 10.14 17.42
C ALA B 176 2.10 8.97 17.39
N LEU B 177 2.47 7.89 16.72
CA LEU B 177 1.62 6.71 16.75
C LEU B 177 2.16 5.60 17.64
N ARG B 178 3.28 5.84 18.32
CA ARG B 178 3.86 4.80 19.16
C ARG B 178 2.86 4.34 20.21
N ASN B 179 2.31 5.29 20.96
CA ASN B 179 1.35 4.97 22.04
C ASN B 179 0.10 5.77 21.82
N ILE B 180 -1.00 5.06 21.57
CA ILE B 180 -2.31 5.61 21.26
C ILE B 180 -3.48 4.89 22.01
N VAL B 181 -4.66 5.51 22.05
CA VAL B 181 -5.84 4.83 22.58
C VAL B 181 -6.87 4.77 21.47
N ILE B 182 -7.38 3.56 21.19
CA ILE B 182 -8.43 3.44 20.16
C ILE B 182 -9.78 3.07 20.76
N GLY B 183 -10.78 2.95 19.89
CA GLY B 183 -12.09 2.48 20.27
C GLY B 183 -12.91 3.45 21.08
N LEU B 184 -12.67 4.74 20.95
CA LEU B 184 -13.49 5.74 21.67
C LEU B 184 -14.71 6.14 20.85
N GLY B 185 -15.61 6.89 21.48
CA GLY B 185 -16.75 7.39 20.78
C GLY B 185 -18.05 6.76 21.26
N GLY B 186 -18.00 5.65 22.01
CA GLY B 186 -19.21 5.02 22.53
C GLY B 186 -19.44 3.61 22.01
N LYS B 187 -20.68 3.11 22.12
CA LYS B 187 -20.92 1.69 21.80
C LYS B 187 -20.94 1.45 20.30
N ALA B 188 -21.24 2.47 19.51
CA ALA B 188 -21.18 2.33 18.05
C ALA B 188 -19.73 2.17 17.57
N ASN B 189 -18.77 2.69 18.34
CA ASN B 189 -17.44 2.91 17.80
C ASN B 189 -16.30 2.07 18.36
N GLY B 190 -16.61 0.88 18.84
CA GLY B 190 -15.58 -0.05 19.27
C GLY B 190 -15.32 -0.08 20.75
N VAL B 191 -14.34 -0.87 21.17
CA VAL B 191 -14.03 -1.02 22.59
C VAL B 191 -12.71 -0.29 22.89
N PRO B 192 -12.72 0.70 23.82
CA PRO B 192 -11.48 1.44 24.08
C PRO B 192 -10.32 0.56 24.55
N ARG B 193 -9.15 0.76 23.97
CA ARG B 193 -7.92 0.06 24.41
C ARG B 193 -6.64 0.78 23.97
N GLU B 194 -5.54 0.42 24.63
CA GLU B 194 -4.22 0.99 24.39
C GLU B 194 -3.41 0.10 23.46
N THR B 195 -2.84 0.68 22.41
CA THR B 195 -2.01 -0.04 21.44
C THR B 195 -1.08 0.97 20.84
N GLY B 196 -0.50 0.63 19.69
CA GLY B 196 0.30 1.57 18.95
C GLY B 196 0.54 1.09 17.51
N PHE B 197 1.41 1.82 16.81
CA PHE B 197 1.83 1.39 15.52
C PHE B 197 3.31 1.05 15.57
N ASP B 198 3.76 0.23 14.64
CA ASP B 198 5.17 0.02 14.44
C ASP B 198 5.45 0.16 12.96
N ILE B 199 6.72 0.36 12.60
CA ILE B 199 7.08 0.45 11.20
C ILE B 199 6.68 -0.88 10.60
N SER B 200 5.99 -0.82 9.46
CA SER B 200 5.56 -2.03 8.75
C SER B 200 6.64 -3.11 8.63
N VAL B 201 7.87 -2.73 8.30
CA VAL B 201 8.88 -3.75 8.00
C VAL B 201 9.23 -4.51 9.27
N ALA B 202 8.84 -3.96 10.42
CA ALA B 202 9.06 -4.58 11.73
C ALA B 202 7.99 -5.61 12.05
N SER B 203 7.08 -5.87 11.09
CA SER B 203 5.87 -6.64 11.33
C SER B 203 6.17 -8.13 11.36
N GLU B 204 5.50 -8.83 12.27
CA GLU B 204 5.67 -10.27 12.32
C GLU B 204 5.34 -10.81 10.92
N VAL B 205 4.44 -10.11 10.24
CA VAL B 205 3.99 -10.53 8.92
C VAL B 205 5.10 -10.41 7.89
N MET B 206 5.95 -9.39 8.05
CA MET B 206 7.12 -9.21 7.21
C MET B 206 8.08 -10.35 7.52
N ALA B 207 8.11 -10.77 8.78
CA ALA B 207 9.00 -11.82 9.20
C ALA B 207 8.59 -13.13 8.54
N CYS B 208 7.28 -13.43 8.58
CA CYS B 208 6.70 -14.66 7.99
C CYS B 208 6.90 -14.70 6.49
N LEU B 209 6.64 -13.58 5.82
CA LEU B 209 6.96 -13.51 4.40
C LEU B 209 8.37 -14.08 4.20
N CYS B 210 9.31 -13.59 5.01
CA CYS B 210 10.72 -13.92 4.87
C CYS B 210 11.15 -15.35 5.22
N LEU B 211 10.34 -16.06 5.99
CA LEU B 211 10.68 -17.45 6.33
C LEU B 211 9.66 -18.46 5.79
N ALA B 212 8.75 -18.02 4.92
CA ALA B 212 7.76 -18.95 4.41
C ALA B 212 8.37 -19.76 3.28
N SER B 213 7.90 -21.01 3.13
CA SER B 213 8.29 -21.92 2.04
C SER B 213 7.52 -21.58 0.80
N ASP B 214 6.27 -21.20 0.99
CA ASP B 214 5.38 -20.94 -0.11
C ASP B 214 4.11 -20.36 0.43
N LEU B 215 3.21 -19.99 -0.48
CA LEU B 215 1.99 -19.31 -0.12
C LEU B 215 1.08 -20.10 0.80
N MET B 216 1.21 -21.41 0.86
CA MET B 216 0.48 -22.20 1.87
C MET B 216 1.22 -22.28 3.22
N ASP B 217 2.55 -22.21 3.20
CA ASP B 217 3.31 -22.15 4.44
C ASP B 217 3.06 -20.83 5.15
N LEU B 218 2.96 -19.76 4.37
CA LEU B 218 2.57 -18.46 4.86
C LEU B 218 1.18 -18.52 5.48
N LYS B 219 0.24 -19.14 4.76
CA LYS B 219 -1.14 -19.27 5.23
C LYS B 219 -1.20 -19.88 6.63
N GLU B 220 -0.34 -20.87 6.90
CA GLU B 220 -0.38 -21.56 8.18
C GLU B 220 0.27 -20.72 9.27
N ARG B 221 1.44 -20.19 8.96
CA ARG B 221 2.19 -19.42 9.92
C ARG B 221 1.31 -18.30 10.45
N PHE B 222 0.62 -17.58 9.55
CA PHE B 222 -0.34 -16.56 9.97
C PHE B 222 -1.30 -17.10 11.05
N SER B 223 -1.90 -18.26 10.77
CA SER B 223 -2.85 -18.85 11.71
C SER B 223 -2.25 -19.16 13.08
N ARG B 224 -0.92 -19.31 13.15
CA ARG B 224 -0.23 -19.65 14.40
C ARG B 224 -0.05 -18.43 15.29
N ILE B 225 0.04 -17.25 14.67
CA ILE B 225 0.16 -15.97 15.37
C ILE B 225 -0.80 -15.73 16.57
N VAL B 226 -0.21 -15.43 17.74
CA VAL B 226 -0.96 -15.00 18.93
C VAL B 226 -1.25 -13.51 18.87
N VAL B 227 -2.50 -13.14 19.13
CA VAL B 227 -2.94 -11.76 19.04
C VAL B 227 -3.05 -11.14 20.44
N GLY B 228 -3.44 -11.99 21.41
CA GLY B 228 -3.62 -11.61 22.81
C GLY B 228 -4.18 -12.81 23.57
N TYR B 229 -4.56 -12.62 24.83
CA TYR B 229 -5.02 -13.74 25.64
C TYR B 229 -6.44 -13.48 26.14
N THR B 230 -7.17 -14.55 26.49
CA THR B 230 -8.51 -14.42 27.10
C THR B 230 -8.40 -14.09 28.56
N TYR B 231 -9.53 -13.87 29.22
CA TYR B 231 -9.52 -13.47 30.62
C TYR B 231 -8.89 -14.50 31.57
N ASP B 232 -9.08 -15.79 31.29
CA ASP B 232 -8.41 -16.83 32.09
C ASP B 232 -7.09 -17.26 31.44
N GLY B 233 -6.31 -16.30 30.93
CA GLY B 233 -4.97 -16.50 30.33
C GLY B 233 -4.75 -17.43 29.15
N LYS B 234 -5.82 -17.84 28.46
CA LYS B 234 -5.65 -18.72 27.30
C LYS B 234 -5.44 -17.90 25.99
N PRO B 235 -4.37 -18.21 25.24
CA PRO B 235 -3.96 -17.38 24.12
C PRO B 235 -4.88 -17.51 22.91
N VAL B 236 -5.31 -16.38 22.37
CA VAL B 236 -6.14 -16.38 21.18
C VAL B 236 -5.24 -16.27 19.98
N THR B 237 -5.69 -16.73 18.84
CA THR B 237 -4.79 -16.72 17.69
C THR B 237 -5.43 -16.11 16.47
N ALA B 238 -4.56 -15.74 15.55
CA ALA B 238 -4.98 -15.36 14.24
C ALA B 238 -5.88 -16.47 13.72
N GLY B 239 -5.45 -17.71 13.97
CA GLY B 239 -6.18 -18.92 13.60
C GLY B 239 -7.58 -18.89 14.17
N ASP B 240 -7.68 -18.68 15.47
CA ASP B 240 -8.98 -18.60 16.13
C ASP B 240 -9.94 -17.62 15.46
N LEU B 241 -9.39 -16.65 14.75
CA LEU B 241 -10.22 -15.55 14.23
C LEU B 241 -10.50 -15.74 12.76
N GLU B 242 -10.03 -16.86 12.25
CA GLU B 242 -10.23 -17.24 10.86
C GLU B 242 -9.70 -16.17 9.89
N ALA B 243 -8.65 -15.48 10.31
CA ALA B 243 -8.10 -14.40 9.55
C ALA B 243 -7.07 -14.88 8.51
N GLN B 244 -6.49 -16.06 8.73
CA GLN B 244 -5.29 -16.44 7.98
C GLN B 244 -5.54 -16.50 6.47
N GLY B 245 -6.69 -17.04 6.09
CA GLY B 245 -7.09 -17.10 4.69
C GLY B 245 -7.01 -15.74 4.04
N SER B 246 -7.63 -14.74 4.67
CA SER B 246 -7.67 -13.38 4.11
C SER B 246 -6.30 -12.73 4.09
N MET B 247 -5.53 -13.00 5.12
CA MET B 247 -4.21 -12.46 5.23
C MET B 247 -3.35 -12.94 4.10
N ALA B 248 -3.52 -14.22 3.75
CA ALA B 248 -2.81 -14.81 2.64
C ALA B 248 -3.23 -14.17 1.32
N LEU B 249 -4.54 -14.04 1.09
CA LEU B 249 -5.01 -13.43 -0.15
C LEU B 249 -4.31 -12.12 -0.44
N LEU B 250 -4.15 -11.28 0.58
CA LEU B 250 -3.53 -10.00 0.46
C LEU B 250 -2.07 -10.11 0.07
N MET B 251 -1.51 -11.30 0.30
CA MET B 251 -0.10 -11.60 0.05
C MET B 251 0.13 -12.44 -1.21
N LYS B 252 -0.92 -12.63 -2.00
CA LYS B 252 -0.94 -13.46 -3.21
C LYS B 252 0.24 -13.13 -4.10
N ASP B 253 0.59 -11.85 -4.15
CA ASP B 253 1.64 -11.33 -5.02
C ASP B 253 2.92 -11.00 -4.26
N ALA B 254 2.80 -10.52 -3.02
CA ALA B 254 3.99 -10.26 -2.22
C ALA B 254 4.83 -11.50 -2.13
N ILE B 255 4.19 -12.65 -2.18
CA ILE B 255 4.88 -13.92 -2.02
C ILE B 255 6.02 -14.13 -3.07
N LYS B 256 5.86 -13.59 -4.27
CA LYS B 256 6.80 -13.85 -5.37
C LYS B 256 7.99 -12.92 -5.25
N PRO B 257 9.21 -13.38 -5.54
CA PRO B 257 10.37 -12.51 -5.39
C PRO B 257 10.57 -11.52 -6.54
N ASN B 258 11.24 -10.40 -6.30
CA ASN B 258 11.42 -9.40 -7.33
C ASN B 258 12.77 -9.46 -8.03
N LEU B 259 12.72 -9.62 -9.36
CA LEU B 259 13.91 -9.68 -10.19
C LEU B 259 14.29 -8.29 -10.61
N VAL B 260 15.55 -7.95 -10.37
CA VAL B 260 16.09 -6.69 -10.81
C VAL B 260 17.55 -6.89 -11.14
N GLN B 261 18.28 -5.79 -11.22
CA GLN B 261 19.65 -5.84 -11.64
C GLN B 261 20.65 -4.94 -10.91
N THR B 262 21.91 -5.22 -11.24
CA THR B 262 23.06 -4.42 -10.91
C THR B 262 23.26 -3.32 -11.95
N LEU B 263 23.94 -2.24 -11.56
CA LEU B 263 24.45 -1.27 -12.54
C LEU B 263 25.18 -1.96 -13.72
N GLU B 264 25.75 -3.12 -13.43
CA GLU B 264 26.47 -3.91 -14.44
C GLU B 264 25.62 -5.05 -14.93
N ASN B 265 24.30 -4.83 -14.96
CA ASN B 265 23.35 -5.79 -15.51
C ASN B 265 23.35 -7.19 -14.89
N THR B 266 23.93 -7.34 -13.69
CA THR B 266 23.95 -8.65 -13.04
C THR B 266 22.59 -8.92 -12.38
N PRO B 267 22.00 -10.08 -12.66
CA PRO B 267 20.66 -10.38 -12.15
C PRO B 267 20.57 -10.42 -10.61
N ALA B 268 19.62 -9.67 -10.07
CA ALA B 268 19.38 -9.58 -8.63
C ALA B 268 17.93 -9.90 -8.21
N PHE B 269 17.79 -10.54 -7.05
CA PHE B 269 16.51 -10.60 -6.34
C PHE B 269 16.56 -9.64 -5.21
N ILE B 270 15.60 -8.73 -5.11
CA ILE B 270 15.40 -8.15 -3.78
C ILE B 270 14.00 -8.43 -3.31
N HIS B 271 13.89 -8.96 -2.11
CA HIS B 271 12.62 -9.52 -1.64
C HIS B 271 12.54 -9.69 -0.09
N GLY B 272 11.63 -8.94 0.53
CA GLY B 272 11.44 -9.01 1.98
C GLY B 272 12.50 -8.17 2.67
N GLY B 273 12.30 -7.86 3.95
CA GLY B 273 13.19 -6.97 4.70
C GLY B 273 12.74 -6.84 6.14
N PRO B 274 13.19 -7.76 7.02
CA PRO B 274 12.73 -7.77 8.38
C PRO B 274 13.64 -6.90 9.23
N PHE B 275 13.28 -6.72 10.51
CA PHE B 275 14.18 -6.10 11.49
C PHE B 275 15.26 -7.07 11.84
N ALA B 276 16.45 -6.56 12.15
CA ALA B 276 17.58 -7.45 12.45
C ALA B 276 17.73 -7.89 13.92
N ASN B 277 16.97 -7.31 14.84
CA ASN B 277 17.01 -7.72 16.26
C ASN B 277 15.77 -8.49 16.73
N ILE B 278 14.64 -7.77 16.69
CA ILE B 278 13.28 -8.26 16.91
C ILE B 278 12.96 -9.40 15.96
N ALA B 279 13.72 -9.48 14.89
CA ALA B 279 13.56 -10.51 13.88
C ALA B 279 14.96 -10.83 13.36
N HIS B 280 15.06 -11.63 12.30
CA HIS B 280 16.35 -12.21 11.94
C HIS B 280 17.12 -11.43 10.90
N GLY B 281 16.43 -10.57 10.16
CA GLY B 281 17.12 -9.62 9.29
C GLY B 281 17.77 -10.15 8.02
N CYS B 282 17.20 -11.20 7.42
CA CYS B 282 17.64 -11.73 6.12
C CYS B 282 16.61 -11.46 5.05
N ASN B 283 17.03 -11.38 3.78
CA ASN B 283 16.02 -11.36 2.73
C ASN B 283 15.30 -12.69 2.77
N SER B 284 14.27 -12.88 1.95
CA SER B 284 13.37 -14.01 2.16
C SER B 284 13.98 -15.36 1.73
N ILE B 285 13.41 -16.43 2.28
CA ILE B 285 13.82 -17.79 1.92
C ILE B 285 13.36 -18.14 0.50
N ILE B 286 12.22 -17.63 0.07
CA ILE B 286 11.71 -17.88 -1.28
C ILE B 286 12.74 -17.41 -2.32
N ALA B 287 13.34 -16.24 -2.05
CA ALA B 287 14.28 -15.58 -2.96
C ALA B 287 15.61 -16.32 -3.08
N THR B 288 16.05 -16.90 -1.98
CA THR B 288 17.36 -17.47 -1.95
C THR B 288 17.34 -18.92 -2.44
N LYS B 289 16.31 -19.66 -2.06
CA LYS B 289 16.17 -21.04 -2.51
C LYS B 289 15.79 -21.04 -4.00
N THR B 290 15.03 -20.04 -4.43
CA THR B 290 14.74 -19.92 -5.85
C THR B 290 16.05 -19.61 -6.53
N ALA B 291 16.75 -18.58 -6.06
CA ALA B 291 18.00 -18.17 -6.68
C ALA B 291 18.96 -19.36 -6.86
N LEU B 292 19.06 -20.20 -5.84
CA LEU B 292 19.98 -21.34 -5.84
C LEU B 292 19.83 -22.27 -7.04
N LYS B 293 18.64 -22.30 -7.61
CA LYS B 293 18.34 -23.22 -8.68
C LYS B 293 18.63 -22.60 -10.03
N LEU B 294 18.74 -21.28 -10.06
CA LEU B 294 19.00 -20.52 -11.28
C LEU B 294 20.47 -20.16 -11.41
N ALA B 295 21.22 -20.30 -10.33
CA ALA B 295 22.60 -19.84 -10.35
C ALA B 295 23.53 -20.91 -9.83
N ASP B 296 24.80 -20.83 -10.21
CA ASP B 296 25.81 -21.68 -9.63
C ASP B 296 26.24 -21.09 -8.31
N TYR B 297 26.18 -19.76 -8.24
CA TYR B 297 26.67 -19.04 -7.09
C TYR B 297 25.72 -17.93 -6.70
N VAL B 298 25.03 -18.12 -5.56
CA VAL B 298 24.18 -17.09 -4.96
C VAL B 298 24.91 -16.35 -3.82
N VAL B 299 24.85 -15.02 -3.84
CA VAL B 299 25.36 -14.17 -2.75
C VAL B 299 24.21 -13.45 -2.04
N THR B 300 24.12 -13.65 -0.72
CA THR B 300 23.07 -13.02 0.09
C THR B 300 23.63 -12.41 1.38
N GLU B 301 22.87 -11.51 1.99
CA GLU B 301 23.31 -10.87 3.24
C GLU B 301 22.26 -10.83 4.35
N ALA B 302 22.76 -10.53 5.56
CA ALA B 302 22.00 -10.41 6.81
C ALA B 302 22.27 -9.06 7.51
N GLY B 303 21.29 -8.61 8.30
CA GLY B 303 21.38 -7.32 8.95
C GLY B 303 22.33 -7.25 10.15
N PHE B 304 22.85 -6.04 10.40
CA PHE B 304 23.77 -5.78 11.50
C PHE B 304 25.06 -6.61 11.35
N GLY B 305 25.80 -6.76 12.46
CA GLY B 305 27.04 -7.54 12.54
C GLY B 305 26.79 -9.03 12.65
N ALA B 306 27.86 -9.80 12.43
CA ALA B 306 27.75 -11.25 12.40
C ALA B 306 27.27 -11.89 13.71
N ASP B 307 27.43 -11.17 14.83
CA ASP B 307 26.92 -11.63 16.11
C ASP B 307 25.38 -11.70 16.13
N LEU B 308 24.76 -10.79 15.40
CA LEU B 308 23.31 -10.77 15.30
C LEU B 308 22.82 -11.38 13.97
N GLY B 309 22.99 -10.64 12.87
CA GLY B 309 22.56 -11.12 11.55
C GLY B 309 23.00 -12.54 11.20
N ALA B 310 24.31 -12.76 11.20
CA ALA B 310 24.82 -14.03 10.74
C ALA B 310 24.39 -15.22 11.63
N GLU B 311 24.46 -15.05 12.95
CA GLU B 311 24.07 -16.12 13.84
C GLU B 311 22.64 -16.44 13.54
N LYS B 312 21.85 -15.39 13.30
CA LYS B 312 20.43 -15.56 13.01
C LYS B 312 20.23 -16.09 11.57
N PHE B 313 21.08 -15.65 10.66
CA PHE B 313 21.12 -16.28 9.35
C PHE B 313 21.28 -17.78 9.50
N TYR B 314 22.36 -18.21 10.16
CA TYR B 314 22.62 -19.64 10.33
C TYR B 314 21.52 -20.30 11.12
N ASP B 315 21.29 -19.77 12.30
CA ASP B 315 20.45 -20.46 13.28
C ASP B 315 18.97 -20.35 13.05
N VAL B 316 18.57 -19.40 12.20
CA VAL B 316 17.17 -19.26 11.86
C VAL B 316 16.91 -19.67 10.43
N LYS B 317 17.54 -18.92 9.50
CA LYS B 317 17.24 -19.03 8.08
C LYS B 317 17.66 -20.37 7.49
N CYS B 318 18.94 -20.71 7.64
CA CYS B 318 19.50 -22.00 7.19
C CYS B 318 18.84 -23.22 7.89
N ARG B 319 18.64 -23.09 9.20
CA ARG B 319 17.95 -24.10 9.97
C ARG B 319 16.63 -24.51 9.33
N TYR B 320 15.73 -23.53 9.17
CA TYR B 320 14.41 -23.76 8.57
C TYR B 320 14.44 -24.30 7.13
N ALA B 321 15.30 -23.72 6.28
CA ALA B 321 15.28 -23.94 4.82
C ALA B 321 16.14 -25.11 4.32
N GLY B 322 16.86 -25.74 5.24
CA GLY B 322 17.83 -26.80 4.93
C GLY B 322 19.02 -26.30 4.14
N PHE B 323 19.39 -25.03 4.34
CA PHE B 323 20.54 -24.49 3.64
C PHE B 323 21.79 -25.01 4.33
N LYS B 324 22.89 -24.97 3.59
CA LYS B 324 24.19 -25.44 4.05
C LYS B 324 25.27 -24.47 3.54
N PRO B 325 25.31 -23.25 4.12
CA PRO B 325 26.21 -22.19 3.62
C PRO B 325 27.64 -22.68 3.36
N ASP B 326 28.13 -22.41 2.16
CA ASP B 326 29.43 -22.90 1.71
C ASP B 326 30.55 -21.92 2.03
N ALA B 327 30.29 -20.63 1.84
CA ALA B 327 31.27 -19.62 2.17
C ALA B 327 30.59 -18.54 3.01
N THR B 328 31.40 -17.74 3.71
CA THR B 328 30.90 -16.54 4.36
C THR B 328 31.99 -15.51 4.35
N VAL B 329 31.64 -14.41 3.70
CA VAL B 329 32.46 -13.24 3.67
C VAL B 329 32.08 -12.43 4.86
N ILE B 330 33.08 -11.70 5.37
CA ILE B 330 32.85 -10.75 6.44
C ILE B 330 33.56 -9.45 6.09
N VAL B 331 32.79 -8.36 6.11
CA VAL B 331 33.31 -7.05 5.71
C VAL B 331 33.83 -6.29 6.92
N ALA B 332 34.81 -5.42 6.65
CA ALA B 332 35.49 -4.63 7.65
C ALA B 332 36.07 -3.46 6.91
N THR B 333 36.15 -2.32 7.59
CA THR B 333 36.83 -1.11 7.09
C THR B 333 37.97 -0.74 8.06
N VAL B 334 38.86 0.13 7.61
CA VAL B 334 39.95 0.63 8.48
C VAL B 334 39.42 1.74 9.40
N ARG B 335 38.63 2.64 8.82
CA ARG B 335 37.89 3.67 9.56
C ARG B 335 37.19 3.05 10.78
N ALA B 336 36.42 2.00 10.52
CA ALA B 336 35.61 1.33 11.54
C ALA B 336 36.44 0.72 12.68
N LEU B 337 37.48 -0.05 12.35
CA LEU B 337 38.26 -0.73 13.38
C LEU B 337 38.96 0.24 14.32
N LYS B 338 39.52 1.31 13.75
CA LYS B 338 40.11 2.40 14.54
C LYS B 338 39.10 2.93 15.57
N MET B 339 37.82 2.99 15.19
CA MET B 339 36.76 3.39 16.12
C MET B 339 36.56 2.35 17.23
N HIS B 340 36.82 1.10 16.87
CA HIS B 340 36.85 -0.01 17.82
C HIS B 340 38.09 0.02 18.70
N GLY B 341 39.14 0.65 18.19
CA GLY B 341 40.34 0.94 18.95
C GLY B 341 40.19 2.15 19.85
N GLY B 342 39.10 2.92 19.66
CA GLY B 342 38.79 4.06 20.52
C GLY B 342 38.99 5.44 19.89
N VAL B 343 39.27 5.47 18.59
CA VAL B 343 39.42 6.73 17.85
C VAL B 343 38.04 7.28 17.49
N PRO B 344 37.76 8.54 17.91
CA PRO B 344 36.50 9.23 17.64
C PRO B 344 36.19 9.34 16.15
N LYS B 345 34.92 9.55 15.85
CA LYS B 345 34.45 9.75 14.47
C LYS B 345 35.07 10.98 13.78
N SER B 346 35.43 12.00 14.57
CA SER B 346 36.05 13.23 14.07
C SER B 346 37.49 13.02 13.57
N ASP B 347 38.12 11.95 14.02
CA ASP B 347 39.56 11.76 13.83
C ASP B 347 39.94 10.68 12.81
N LEU B 348 38.94 10.10 12.14
CA LEU B 348 39.16 9.00 11.17
C LEU B 348 40.16 9.29 10.05
N ALA B 349 40.30 10.57 9.71
CA ALA B 349 41.18 11.06 8.65
C ALA B 349 42.63 10.65 8.90
N THR B 350 43.03 10.67 10.16
CA THR B 350 44.42 10.37 10.55
C THR B 350 44.74 8.87 10.55
N GLU B 351 45.89 8.52 9.99
CA GLU B 351 46.47 7.17 10.10
C GLU B 351 46.80 6.86 11.56
N ASN B 352 46.41 5.67 12.01
CA ASN B 352 46.65 5.25 13.39
C ASN B 352 46.82 3.72 13.53
N LEU B 353 47.99 3.22 13.12
CA LEU B 353 48.29 1.79 13.06
C LEU B 353 48.14 1.04 14.38
N GLU B 354 48.24 1.77 15.50
CA GLU B 354 48.14 1.13 16.82
C GLU B 354 46.67 0.94 17.20
N ALA B 355 45.82 1.87 16.75
CA ALA B 355 44.39 1.83 17.07
C ALA B 355 43.72 0.69 16.31
N LEU B 356 43.96 0.67 15.00
CA LEU B 356 43.53 -0.41 14.09
C LEU B 356 43.97 -1.79 14.59
N ARG B 357 45.14 -1.82 15.25
CA ARG B 357 45.68 -3.04 15.84
C ARG B 357 44.84 -3.49 17.03
N GLU B 358 44.48 -2.54 17.90
CA GLU B 358 43.62 -2.82 19.05
C GLU B 358 42.15 -3.10 18.67
N GLY B 359 41.62 -2.36 17.70
CA GLY B 359 40.23 -2.49 17.28
C GLY B 359 39.96 -3.78 16.55
N PHE B 360 41.03 -4.33 15.98
CA PHE B 360 41.01 -5.61 15.25
C PHE B 360 40.44 -6.75 16.09
N ALA B 361 40.59 -6.65 17.41
CA ALA B 361 40.04 -7.67 18.29
C ALA B 361 38.59 -7.99 17.89
N ASN B 362 37.86 -6.96 17.44
CA ASN B 362 36.45 -7.14 17.04
C ASN B 362 36.29 -8.19 15.93
N LEU B 363 36.91 -7.90 14.80
CA LEU B 363 36.92 -8.78 13.66
C LEU B 363 37.44 -10.16 14.06
N GLU B 364 38.49 -10.18 14.90
CA GLU B 364 39.07 -11.42 15.37
C GLU B 364 38.02 -12.34 16.04
N LYS B 365 37.17 -11.75 16.89
CA LYS B 365 36.08 -12.51 17.48
C LYS B 365 35.09 -13.00 16.41
N HIS B 366 34.70 -12.07 15.53
CA HIS B 366 33.71 -12.38 14.50
C HIS B 366 34.13 -13.62 13.70
N ILE B 367 35.39 -13.61 13.27
CA ILE B 367 36.05 -14.71 12.57
C ILE B 367 35.96 -16.05 13.32
N GLU B 368 36.20 -16.00 14.63
CA GLU B 368 36.14 -17.19 15.48
C GLU B 368 34.74 -17.77 15.51
N ASN B 369 33.76 -16.86 15.51
CA ASN B 369 32.35 -17.23 15.44
C ASN B 369 31.92 -17.87 14.11
N ILE B 370 32.44 -17.39 12.99
CA ILE B 370 32.15 -18.03 11.69
C ILE B 370 32.81 -19.41 11.70
N GLY B 371 33.97 -19.49 12.34
CA GLY B 371 34.60 -20.77 12.61
C GLY B 371 33.59 -21.69 13.29
N LYS B 372 32.98 -21.21 14.37
CA LYS B 372 32.18 -22.07 15.23
C LYS B 372 31.00 -22.75 14.52
N PHE B 373 30.70 -22.31 13.30
CA PHE B 373 29.54 -22.85 12.59
C PHE B 373 29.89 -23.94 11.58
N GLY B 374 31.19 -24.21 11.45
CA GLY B 374 31.69 -25.14 10.45
C GLY B 374 31.56 -24.57 9.05
N VAL B 375 31.82 -23.27 8.94
CA VAL B 375 31.69 -22.59 7.64
C VAL B 375 32.96 -21.80 7.32
N PRO B 376 33.49 -22.02 6.11
CA PRO B 376 34.61 -21.32 5.48
C PRO B 376 34.52 -19.79 5.48
N ALA B 377 35.08 -19.14 6.50
CA ALA B 377 35.16 -17.67 6.55
C ALA B 377 36.15 -17.13 5.53
N VAL B 378 36.01 -15.84 5.20
CA VAL B 378 37.00 -15.00 4.46
C VAL B 378 36.70 -13.52 4.73
N VAL B 379 37.71 -12.76 5.13
CA VAL B 379 37.55 -11.34 5.37
C VAL B 379 37.63 -10.59 4.05
N ALA B 380 36.92 -9.47 3.99
CA ALA B 380 37.01 -8.51 2.89
C ALA B 380 37.08 -7.08 3.43
N ILE B 381 38.00 -6.26 2.94
CA ILE B 381 38.09 -4.87 3.36
C ILE B 381 37.58 -3.94 2.26
N ASN B 382 36.54 -3.16 2.53
CA ASN B 382 36.14 -2.12 1.59
C ASN B 382 37.18 -0.99 1.64
N ALA B 383 37.93 -0.81 0.56
CA ALA B 383 39.00 0.20 0.52
C ALA B 383 38.47 1.63 0.54
N PHE B 384 39.20 2.54 1.17
CA PHE B 384 38.76 3.95 1.33
C PHE B 384 39.84 5.00 0.90
N PRO B 385 39.42 6.22 0.46
CA PRO B 385 40.36 7.33 0.15
C PRO B 385 41.31 7.73 1.28
N THR B 386 40.82 7.71 2.53
CA THR B 386 41.68 7.99 3.69
C THR B 386 42.55 6.78 4.07
N ASP B 387 41.97 5.58 3.90
CA ASP B 387 42.60 4.29 4.27
C ASP B 387 43.93 4.10 3.56
N THR B 388 45.02 4.19 4.32
CA THR B 388 46.38 4.19 3.74
C THR B 388 47.01 2.78 3.55
N GLU B 389 48.10 2.73 2.77
CA GLU B 389 48.79 1.49 2.41
C GLU B 389 49.43 0.73 3.60
N ALA B 390 49.88 1.48 4.61
CA ALA B 390 50.40 0.90 5.84
C ALA B 390 49.26 0.51 6.77
N GLU B 391 48.16 1.25 6.66
CA GLU B 391 46.93 0.91 7.35
C GLU B 391 46.34 -0.38 6.80
N LEU B 392 46.37 -0.55 5.48
CA LEU B 392 45.86 -1.78 4.84
C LEU B 392 46.79 -2.98 5.09
N ASN B 393 48.09 -2.74 4.93
CA ASN B 393 49.12 -3.76 5.16
C ASN B 393 49.08 -4.27 6.59
N LEU B 394 48.95 -3.36 7.56
CA LEU B 394 48.86 -3.70 8.98
C LEU B 394 47.70 -4.66 9.22
N LEU B 395 46.60 -4.41 8.51
CA LEU B 395 45.39 -5.20 8.61
C LEU B 395 45.51 -6.55 7.88
N TYR B 396 45.99 -6.50 6.64
CA TYR B 396 46.08 -7.68 5.77
C TYR B 396 46.85 -8.79 6.47
N GLU B 397 47.99 -8.43 7.04
CA GLU B 397 48.79 -9.36 7.79
C GLU B 397 48.12 -9.75 9.11
N LEU B 398 47.40 -8.80 9.71
CA LEU B 398 46.69 -9.04 10.98
C LEU B 398 45.64 -10.14 10.89
N CYS B 399 45.08 -10.32 9.69
CA CYS B 399 44.22 -11.45 9.37
C CYS B 399 45.01 -12.76 9.18
N ALA B 400 46.23 -12.82 9.72
CA ALA B 400 47.02 -14.06 9.79
C ALA B 400 46.27 -15.09 10.65
N LYS B 401 45.31 -15.76 10.00
CA LYS B 401 44.47 -16.82 10.56
C LYS B 401 43.50 -17.32 9.49
N ALA B 402 42.91 -16.40 8.72
CA ALA B 402 41.95 -16.76 7.67
C ALA B 402 42.10 -15.84 6.45
N GLY B 403 41.61 -16.28 5.29
CA GLY B 403 41.81 -15.54 4.02
C GLY B 403 41.38 -14.08 4.05
N ALA B 404 42.18 -13.20 3.45
CA ALA B 404 41.82 -11.77 3.31
C ALA B 404 42.04 -11.24 1.89
N GLU B 405 41.17 -10.31 1.47
CA GLU B 405 41.37 -9.56 0.23
C GLU B 405 40.86 -8.12 0.39
N VAL B 406 41.34 -7.21 -0.46
CA VAL B 406 40.84 -5.82 -0.54
C VAL B 406 39.83 -5.70 -1.71
N ALA B 407 38.72 -5.00 -1.48
CA ALA B 407 37.70 -4.75 -2.51
C ALA B 407 37.62 -3.26 -2.88
N LEU B 408 38.22 -2.91 -4.02
CA LEU B 408 38.12 -1.55 -4.59
C LEU B 408 36.76 -1.32 -5.28
N SER B 409 35.65 -2.25 -5.08
CA SER B 409 34.29 -2.23 -5.66
C SER B 409 33.54 -0.90 -5.74
N TRP B 410 33.44 -0.20 -4.61
CA TRP B 410 32.72 1.07 -4.56
C TRP B 410 33.22 2.10 -5.56
N ALA B 411 34.32 1.92 -6.02
CA ALA B 411 35.06 2.82 -6.93
C ALA B 411 35.43 2.24 -8.31
N LYS B 412 35.60 0.92 -8.38
CA LYS B 412 36.07 0.26 -9.61
C LYS B 412 35.11 -0.81 -10.18
N GLY B 413 33.97 -1.03 -9.53
CA GLY B 413 32.97 -1.97 -10.01
C GLY B 413 33.39 -3.41 -9.83
N GLY B 414 32.85 -4.29 -10.66
CA GLY B 414 33.27 -5.70 -10.72
C GLY B 414 34.78 -5.90 -10.85
N GLU B 415 35.44 -5.06 -11.65
CA GLU B 415 36.91 -5.08 -11.76
C GLU B 415 37.66 -4.84 -10.44
N GLY B 416 37.02 -4.17 -9.47
CA GLY B 416 37.64 -3.89 -8.17
C GLY B 416 37.42 -4.95 -7.11
N GLY B 417 36.46 -5.84 -7.37
CA GLY B 417 36.16 -6.96 -6.49
C GLY B 417 36.60 -8.23 -7.18
N LEU B 418 37.43 -8.04 -8.20
CA LEU B 418 38.03 -9.13 -8.94
C LEU B 418 38.93 -9.97 -8.02
N GLU B 419 39.85 -9.32 -7.31
CA GLU B 419 40.71 -10.03 -6.36
C GLU B 419 39.87 -10.79 -5.32
N LEU B 420 38.86 -10.12 -4.78
CA LEU B 420 38.09 -10.63 -3.65
C LEU B 420 37.35 -11.91 -3.99
N ALA B 421 36.81 -11.95 -5.20
CA ALA B 421 35.99 -13.06 -5.67
C ALA B 421 36.83 -14.30 -5.95
N ARG B 422 38.10 -14.07 -6.30
CA ARG B 422 39.07 -15.14 -6.46
C ARG B 422 39.15 -15.94 -5.18
N LYS B 423 39.50 -15.29 -4.07
CA LYS B 423 39.67 -15.98 -2.79
C LYS B 423 38.45 -16.85 -2.44
N VAL B 424 37.25 -16.28 -2.64
CA VAL B 424 35.97 -16.99 -2.43
C VAL B 424 35.84 -18.26 -3.29
N LEU B 425 36.10 -18.12 -4.60
CA LEU B 425 36.06 -19.25 -5.52
C LEU B 425 37.12 -20.28 -5.19
N GLN B 426 38.29 -19.81 -4.75
CA GLN B 426 39.32 -20.71 -4.26
C GLN B 426 38.86 -21.41 -2.98
N THR B 427 38.20 -20.66 -2.11
CA THR B 427 37.56 -21.24 -0.94
C THR B 427 36.54 -22.31 -1.34
N LEU B 428 35.60 -21.97 -2.23
CA LEU B 428 34.50 -22.88 -2.56
C LEU B 428 34.93 -24.18 -3.29
N GLU B 429 36.07 -24.13 -3.98
CA GLU B 429 36.62 -25.31 -4.68
C GLU B 429 37.49 -26.19 -3.76
N SER B 430 38.38 -25.58 -2.97
CA SER B 430 39.28 -26.33 -2.10
C SER B 430 38.87 -26.49 -0.62
N ARG B 431 38.08 -25.53 -0.12
CA ARG B 431 37.64 -25.48 1.30
C ARG B 431 36.18 -25.92 1.46
N PRO B 432 35.94 -27.24 1.58
CA PRO B 432 34.55 -27.71 1.77
C PRO B 432 33.95 -27.16 3.07
N SER B 433 32.63 -27.27 3.20
CA SER B 433 31.95 -26.79 4.40
C SER B 433 31.51 -27.96 5.27
N ASN B 434 31.34 -27.68 6.56
CA ASN B 434 30.61 -28.57 7.47
C ASN B 434 29.64 -27.77 8.32
N PHE B 435 28.55 -27.33 7.71
CA PHE B 435 27.63 -26.43 8.41
C PHE B 435 26.79 -27.11 9.50
N HIS B 436 26.81 -26.49 10.68
CA HIS B 436 25.97 -26.92 11.77
C HIS B 436 25.54 -25.75 12.64
N VAL B 437 24.24 -25.73 12.91
CA VAL B 437 23.61 -24.79 13.84
C VAL B 437 24.30 -24.77 15.20
N LEU B 438 24.40 -23.59 15.80
CA LEU B 438 25.11 -23.40 17.08
C LEU B 438 24.46 -24.12 18.26
N TYR B 439 23.13 -23.96 18.38
CA TYR B 439 22.34 -24.60 19.43
C TYR B 439 21.43 -25.70 18.88
N ASN B 440 20.78 -26.45 19.77
CA ASN B 440 19.82 -27.45 19.32
C ASN B 440 18.41 -27.14 19.81
N LEU B 441 17.44 -27.38 18.94
CA LEU B 441 16.09 -26.90 19.15
C LEU B 441 15.36 -27.56 20.33
N ASP B 442 16.01 -28.53 20.96
CA ASP B 442 15.43 -29.19 22.12
C ASP B 442 16.06 -28.76 23.45
N LEU B 443 16.99 -27.80 23.38
CA LEU B 443 17.56 -27.19 24.58
C LEU B 443 16.51 -26.33 25.30
N SER B 444 16.96 -25.61 26.32
CA SER B 444 16.07 -24.74 27.12
C SER B 444 16.16 -23.32 26.56
N ILE B 445 15.04 -22.58 26.57
CA ILE B 445 15.09 -21.18 26.16
C ILE B 445 16.39 -20.61 26.73
N LYS B 446 16.60 -20.82 28.03
CA LYS B 446 17.78 -20.31 28.71
C LYS B 446 19.06 -20.89 28.12
N ASP B 447 19.16 -22.22 28.08
CA ASP B 447 20.31 -22.89 27.50
C ASP B 447 20.66 -22.35 26.12
N LYS B 448 19.61 -22.13 25.32
CA LYS B 448 19.72 -21.57 23.96
C LYS B 448 20.30 -20.15 23.98
N ILE B 449 19.74 -19.31 24.85
CA ILE B 449 20.21 -17.95 25.00
C ILE B 449 21.65 -17.97 25.49
N ALA B 450 21.89 -18.82 26.49
CA ALA B 450 23.22 -19.02 27.06
C ALA B 450 24.25 -19.42 25.99
N LYS B 451 23.87 -20.35 25.11
CA LYS B 451 24.75 -20.81 24.04
C LYS B 451 25.04 -19.71 23.01
N ILE B 452 24.08 -18.81 22.80
CA ILE B 452 24.32 -17.62 21.99
C ILE B 452 25.20 -16.60 22.74
N ALA B 453 24.88 -16.32 24.01
CA ALA B 453 25.65 -15.35 24.81
C ALA B 453 27.15 -15.64 24.95
N THR B 454 27.50 -16.86 25.38
CA THR B 454 28.90 -17.19 25.69
C THR B 454 29.78 -17.41 24.48
N GLU B 455 29.32 -18.29 23.59
CA GLU B 455 30.12 -18.73 22.45
C GLU B 455 30.17 -17.74 21.32
N ILE B 456 29.06 -17.04 21.08
CA ILE B 456 28.97 -16.04 20.03
C ILE B 456 29.39 -14.65 20.51
N TYR B 457 28.79 -14.16 21.60
CA TYR B 457 29.18 -12.84 22.12
C TYR B 457 30.40 -12.94 23.04
N GLY B 458 30.38 -13.87 23.99
CA GLY B 458 31.52 -14.02 24.89
C GLY B 458 31.28 -13.51 26.29
N ALA B 459 30.01 -13.29 26.62
CA ALA B 459 29.62 -12.96 27.98
C ALA B 459 29.92 -14.15 28.86
N ASP B 460 30.18 -13.86 30.12
CA ASP B 460 30.39 -14.91 31.11
C ASP B 460 29.10 -15.66 31.48
N GLY B 461 27.95 -15.03 31.23
CA GLY B 461 26.67 -15.59 31.65
C GLY B 461 25.51 -14.66 31.37
N VAL B 462 24.30 -15.13 31.69
CA VAL B 462 23.04 -14.42 31.35
C VAL B 462 22.16 -14.24 32.58
N ASN B 463 21.67 -13.02 32.80
CA ASN B 463 20.74 -12.76 33.91
C ASN B 463 19.32 -12.46 33.45
N TYR B 464 18.35 -12.69 34.32
CA TYR B 464 16.95 -12.52 33.95
C TYR B 464 16.15 -11.74 34.97
N THR B 465 15.31 -10.84 34.52
CA THR B 465 14.43 -10.09 35.41
C THR B 465 13.24 -10.94 35.86
N ALA B 466 12.56 -10.49 36.92
CA ALA B 466 11.29 -11.07 37.34
C ALA B 466 10.34 -11.18 36.16
N GLU B 467 10.20 -10.08 35.40
CA GLU B 467 9.30 -10.03 34.26
C GLU B 467 9.74 -10.99 33.17
N ALA B 468 11.04 -11.21 33.07
CA ALA B 468 11.61 -12.12 32.07
C ALA B 468 11.38 -13.62 32.34
N ASP B 469 11.15 -14.00 33.61
CA ASP B 469 11.05 -15.42 34.01
C ASP B 469 9.64 -15.97 33.92
N LYS B 470 8.68 -15.19 34.40
CA LYS B 470 7.24 -15.51 34.26
C LYS B 470 6.84 -15.42 32.78
N ALA B 471 7.56 -14.60 32.02
CA ALA B 471 7.44 -14.62 30.55
C ALA B 471 7.89 -15.97 29.99
N ILE B 472 9.15 -16.36 30.28
CA ILE B 472 9.73 -17.62 29.83
C ILE B 472 8.88 -18.79 30.30
N GLN B 473 8.68 -18.87 31.61
CA GLN B 473 7.76 -19.83 32.24
C GLN B 473 6.56 -20.08 31.36
N ARG B 474 5.75 -19.04 31.18
CA ARG B 474 4.52 -19.10 30.40
C ARG B 474 4.75 -19.73 29.04
N TYR B 475 5.76 -19.26 28.30
CA TYR B 475 6.05 -19.79 26.95
C TYR B 475 6.48 -21.27 26.92
N GLU B 476 7.40 -21.67 27.80
CA GLU B 476 7.80 -23.07 27.89
C GLU B 476 6.51 -23.88 28.07
N SER B 477 5.68 -23.44 29.00
CA SER B 477 4.54 -24.21 29.45
C SER B 477 3.27 -23.96 28.63
N LEU B 478 3.36 -23.02 27.71
CA LEU B 478 2.31 -22.82 26.75
C LEU B 478 2.63 -23.70 25.56
N GLY B 479 3.85 -24.27 25.58
CA GLY B 479 4.32 -25.20 24.57
C GLY B 479 5.22 -24.55 23.53
N TYR B 480 5.52 -23.28 23.71
CA TYR B 480 6.32 -22.56 22.74
C TYR B 480 7.83 -22.65 23.05
N GLY B 481 8.22 -23.56 23.92
CA GLY B 481 9.62 -23.68 24.35
C GLY B 481 10.56 -24.36 23.35
N ASN B 482 9.98 -25.02 22.35
CA ASN B 482 10.79 -25.73 21.35
C ASN B 482 11.26 -24.84 20.21
N LEU B 483 11.03 -23.52 20.30
CA LEU B 483 11.36 -22.63 19.16
C LEU B 483 12.78 -22.06 19.23
N PRO B 484 13.33 -21.59 18.09
CA PRO B 484 14.62 -20.90 18.16
C PRO B 484 14.56 -19.53 18.88
N VAL B 485 15.72 -18.90 19.05
CA VAL B 485 15.84 -17.71 19.85
C VAL B 485 16.34 -16.61 18.95
N VAL B 486 15.60 -15.51 18.89
CA VAL B 486 16.02 -14.35 18.12
C VAL B 486 16.24 -13.18 19.09
N MET B 487 17.53 -12.92 19.37
CA MET B 487 17.98 -12.00 20.43
C MET B 487 17.81 -10.52 20.07
N ALA B 488 16.96 -9.79 20.77
CA ALA B 488 16.84 -8.37 20.48
C ALA B 488 17.79 -7.60 21.36
N LYS B 489 18.91 -7.19 20.79
CA LYS B 489 19.90 -6.41 21.53
C LYS B 489 20.49 -5.31 20.68
N THR B 490 21.25 -4.42 21.28
CA THR B 490 21.90 -3.38 20.53
C THR B 490 22.97 -3.99 19.63
N GLN B 491 23.03 -3.55 18.39
CA GLN B 491 24.00 -4.07 17.41
C GLN B 491 25.41 -3.50 17.61
N TYR B 492 25.52 -2.46 18.42
CA TYR B 492 26.75 -1.67 18.46
C TYR B 492 27.81 -2.25 19.36
N SER B 493 27.46 -3.31 20.08
CA SER B 493 28.40 -4.07 20.89
C SER B 493 28.10 -5.56 20.79
N PHE B 494 29.09 -6.38 21.11
CA PHE B 494 28.82 -7.81 21.34
C PHE B 494 27.87 -7.94 22.52
N SER B 495 28.17 -7.19 23.59
CA SER B 495 27.36 -7.09 24.81
C SER B 495 26.11 -6.27 24.58
N ASP B 496 25.30 -6.14 25.63
CA ASP B 496 24.09 -5.32 25.58
C ASP B 496 24.33 -3.86 25.94
N ASP B 497 25.56 -3.57 26.34
CA ASP B 497 26.06 -2.22 26.59
C ASP B 497 26.60 -1.63 25.28
N MET B 498 25.84 -0.72 24.66
CA MET B 498 26.28 -0.12 23.40
C MET B 498 27.61 0.63 23.51
N THR B 499 27.95 1.13 24.70
CA THR B 499 29.16 1.93 24.81
C THR B 499 30.39 1.05 24.62
N LYS B 500 30.24 -0.24 24.95
CA LYS B 500 31.36 -1.21 24.97
C LYS B 500 31.75 -1.75 23.55
N LEU B 501 32.51 -0.95 22.80
CA LEU B 501 33.01 -1.35 21.46
C LEU B 501 34.21 -2.33 21.53
N GLY B 502 34.66 -2.78 20.36
CA GLY B 502 35.70 -3.78 20.25
C GLY B 502 35.29 -5.20 20.68
N ARG B 503 36.16 -5.82 21.47
CA ARG B 503 35.91 -7.12 22.05
C ARG B 503 35.88 -6.97 23.57
N PRO B 504 34.68 -6.70 24.12
CA PRO B 504 34.58 -6.49 25.57
C PRO B 504 34.65 -7.83 26.27
N ARG B 505 35.35 -7.87 27.41
CA ARG B 505 35.53 -9.11 28.17
C ARG B 505 34.92 -9.05 29.58
N ASN B 506 34.70 -10.23 30.17
CA ASN B 506 34.19 -10.36 31.55
C ASN B 506 32.95 -9.49 31.81
N PHE B 507 31.92 -9.71 30.99
CA PHE B 507 30.65 -8.98 31.06
C PHE B 507 29.51 -9.99 31.01
N THR B 508 28.33 -9.57 31.45
CA THR B 508 27.18 -10.46 31.38
C THR B 508 26.09 -9.81 30.55
N ILE B 509 25.04 -10.59 30.24
CA ILE B 509 23.95 -10.15 29.41
C ILE B 509 22.72 -10.25 30.30
N THR B 510 21.87 -9.24 30.24
CA THR B 510 20.65 -9.24 31.05
C THR B 510 19.47 -9.12 30.12
N VAL B 511 18.59 -10.10 30.17
CA VAL B 511 17.40 -10.03 29.35
C VAL B 511 16.27 -9.49 30.22
N ARG B 512 15.76 -8.32 29.83
CA ARG B 512 14.75 -7.61 30.60
C ARG B 512 13.39 -8.24 30.37
N GLU B 513 13.12 -8.65 29.14
CA GLU B 513 11.79 -9.14 28.81
C GLU B 513 11.83 -10.29 27.79
N VAL B 514 10.68 -10.93 27.57
CA VAL B 514 10.56 -11.93 26.50
C VAL B 514 9.25 -11.85 25.74
N ARG B 515 9.37 -11.67 24.43
CA ARG B 515 8.23 -11.63 23.52
C ARG B 515 8.17 -12.88 22.60
N LEU B 516 6.97 -13.27 22.21
CA LEU B 516 6.76 -14.38 21.29
C LEU B 516 6.52 -13.89 19.86
N SER B 517 6.96 -14.71 18.90
CA SER B 517 6.53 -14.59 17.53
C SER B 517 6.06 -15.96 17.10
N ALA B 518 4.77 -16.25 17.34
CA ALA B 518 4.22 -17.58 17.06
C ALA B 518 4.34 -18.05 15.61
N GLY B 519 4.25 -17.14 14.63
CA GLY B 519 4.71 -17.41 13.26
C GLY B 519 6.23 -17.25 13.17
N GLY B 520 6.98 -18.29 13.55
CA GLY B 520 8.46 -18.27 13.58
C GLY B 520 9.12 -18.68 14.91
N ARG B 521 9.40 -17.72 15.79
CA ARG B 521 10.33 -18.00 16.91
C ARG B 521 10.18 -17.15 18.19
N LEU B 522 11.23 -17.14 19.02
CA LEU B 522 11.13 -16.54 20.34
C LEU B 522 12.09 -15.38 20.47
N ILE B 523 11.63 -14.31 21.11
CA ILE B 523 12.36 -13.03 21.11
C ILE B 523 12.71 -12.54 22.50
N VAL B 524 13.99 -12.54 22.79
CA VAL B 524 14.42 -12.03 24.07
C VAL B 524 15.02 -10.62 23.94
N PRO B 525 14.31 -9.59 24.45
CA PRO B 525 14.88 -8.25 24.37
C PRO B 525 15.87 -7.99 25.48
N ILE B 526 16.91 -7.27 25.13
CA ILE B 526 17.95 -6.88 26.06
C ILE B 526 17.74 -5.47 26.67
N THR B 527 17.16 -4.55 25.92
CA THR B 527 16.96 -3.17 26.39
C THR B 527 15.70 -2.58 25.77
N GLY B 528 15.56 -1.24 25.78
CA GLY B 528 14.65 -0.59 24.88
C GLY B 528 15.17 -0.83 23.47
N ALA B 529 14.87 -2.01 22.93
CA ALA B 529 15.01 -2.30 21.48
C ALA B 529 13.68 -1.85 20.95
N ILE B 530 12.93 -1.31 21.89
CA ILE B 530 11.61 -0.75 21.71
C ILE B 530 11.56 0.20 20.52
N MET B 531 12.71 0.44 19.88
CA MET B 531 12.69 1.27 18.66
C MET B 531 12.16 0.50 17.43
N THR B 532 10.86 0.18 17.52
CA THR B 532 10.10 -0.44 16.46
C THR B 532 9.27 0.59 15.68
N MET B 533 9.50 1.86 16.04
CA MET B 533 8.95 2.99 15.33
C MET B 533 9.85 4.20 15.56
N PRO B 534 10.77 4.45 14.62
CA PRO B 534 11.60 5.63 14.82
C PRO B 534 10.85 6.90 14.38
N GLY B 535 11.37 8.05 14.71
CA GLY B 535 10.66 9.28 14.40
C GLY B 535 11.39 10.15 13.40
N LEU B 536 10.68 11.06 12.76
CA LEU B 536 11.31 12.02 11.87
C LEU B 536 12.25 12.90 12.69
N PRO B 537 13.27 13.50 12.03
CA PRO B 537 14.19 14.49 12.61
C PRO B 537 13.71 15.97 12.52
N LYS B 538 14.42 16.90 13.17
CA LYS B 538 14.02 18.32 13.14
C LYS B 538 13.90 18.89 11.70
N ARG B 539 14.93 18.70 10.87
CA ARG B 539 14.83 19.03 9.43
C ARG B 539 14.79 17.75 8.57
N PRO B 540 13.58 17.17 8.38
CA PRO B 540 13.39 15.92 7.62
C PRO B 540 13.54 16.16 6.12
N ALA B 541 13.82 15.08 5.38
CA ALA B 541 14.03 15.13 3.94
C ALA B 541 12.77 15.42 3.17
N ALA B 542 11.60 15.11 3.75
CA ALA B 542 10.33 15.47 3.14
C ALA B 542 10.28 16.96 2.79
N CYS B 543 10.76 17.77 3.71
CA CYS B 543 10.81 19.21 3.54
C CYS B 543 11.51 19.68 2.23
N ASN B 544 12.55 18.96 1.81
CA ASN B 544 13.33 19.33 0.59
C ASN B 544 13.07 18.48 -0.66
N ILE B 545 12.28 17.43 -0.53
CA ILE B 545 11.94 16.58 -1.65
C ILE B 545 10.93 17.28 -2.55
N ASP B 546 11.15 17.14 -3.85
CA ASP B 546 10.38 17.84 -4.88
C ASP B 546 10.46 17.09 -6.23
N ILE B 547 9.56 17.43 -7.15
CA ILE B 547 9.53 16.79 -8.44
C ILE B 547 9.02 17.86 -9.37
N ASP B 548 9.87 18.32 -10.29
CA ASP B 548 9.43 19.38 -11.18
C ASP B 548 8.59 18.79 -12.31
N ALA B 549 8.26 19.62 -13.30
CA ALA B 549 7.49 19.16 -14.46
C ALA B 549 8.11 17.95 -15.21
N ASP B 550 9.07 17.27 -14.56
CA ASP B 550 9.64 15.93 -14.92
C ASP B 550 10.38 15.11 -13.80
N GLY B 551 11.50 15.61 -13.27
CA GLY B 551 12.42 14.79 -12.43
C GLY B 551 12.82 15.30 -11.06
N VAL B 552 13.28 14.37 -10.22
CA VAL B 552 13.33 14.49 -8.75
C VAL B 552 14.58 15.18 -8.13
N ILE B 553 14.37 16.17 -7.26
CA ILE B 553 15.47 16.68 -6.46
C ILE B 553 15.40 16.16 -5.04
N THR B 554 16.55 15.65 -4.58
CA THR B 554 16.87 15.34 -3.15
C THR B 554 16.20 14.14 -2.43
N GLY B 555 15.89 13.07 -3.16
CA GLY B 555 15.22 11.87 -2.60
C GLY B 555 16.19 10.73 -2.30
#